data_4XYD
#
_entry.id   4XYD
#
_cell.length_a   86.220
_cell.length_b   98.830
_cell.length_c   126.780
_cell.angle_alpha   90.00
_cell.angle_beta   90.00
_cell.angle_gamma   90.00
#
_symmetry.space_group_name_H-M   'P 2 21 21'
#
loop_
_entity.id
_entity.type
_entity.pdbx_description
1 polymer 'Nitric-oxide reductase subunit B'
2 polymer 'NorC-like protein'
3 non-polymer 'PROTOPORPHYRIN IX CONTAINING FE'
4 non-polymer 'UNKNOWN LIGAND'
5 non-polymer 'CALCIUM ION'
6 non-polymer 'FE (III) ION'
7 non-polymer 'HEME C'
8 non-polymer 'COPPER (II) ION'
9 water water
#
loop_
_entity_poly.entity_id
_entity_poly.type
_entity_poly.pdbx_seq_one_letter_code
_entity_poly.pdbx_strand_id
1 'polypeptide(L)'
;MKYQSQSIALVYFAVALGLFAIQVSGGLLLGWIYVSPNFLSEILPFNIVRMLHTNSLIVWLLLGFMGAAYFVIPEESERE
IHSPLLAYLQLAIMVLGTLGVVVTYLFNLFEGNWLLGKEGREFLEQPVWVKMGIVVAALIFMYNISMTVLQGRKTAITNV
LLLGLWGLTLLFLFAFYNPSNLALDKMYWWYVVHLWVEGTWELVMASVLAFLMLKLTGVDREIIEKWLYLIVATALFSGI
LGTGHHYFWIGTPGYWQWIGSIFSALEVVPFFGMMAFAFVMVWKGRKDHPNKAALLWSLGCATLAFFGAGVWGFLHTLHG
INYYTHGTQITAAHGHLAFFGAYVSLNLAIFSYAFPILRKRDPYNQVLNMASFWLMAGGMTFMTFVLTFAGTVQTHAQRV
QGDYFMDVQDAITIFYWMRFGSGIAVVLGALLFIYAVAVPRKEIISPSDKQPVAAE
;
A
2 'polypeptide(L)'
;MRDVLTTSMARNIFYGGSLFFILIFVGLSVHSHRYIVTTSTDAATLTAEVEHGKHLWEIHGCVNCHSILGEGAYFAPELG
NVMTRWGVEDDPDAAFEALKGWMDAMPTGIEGRRQMPNFGLNDEEYRALSDFLLWTNTIRNQDWPPNDAG
;
B
#
loop_
_chem_comp.id
_chem_comp.type
_chem_comp.name
_chem_comp.formula
CA non-polymer 'CALCIUM ION' 'Ca 2'
CU non-polymer 'COPPER (II) ION' 'Cu 2'
FE non-polymer 'FE (III) ION' 'Fe 3'
HEC non-polymer 'HEME C' 'C34 H34 Fe N4 O4'
HEM non-polymer 'PROTOPORPHYRIN IX CONTAINING FE' 'C34 H32 Fe N4 O4'
UNL non-polymer 'UNKNOWN LIGAND' ?
#
# COMPACT_ATOMS: atom_id res chain seq x y z
N MET A 1 -13.04 -5.86 29.55
CA MET A 1 -11.68 -6.47 29.53
C MET A 1 -11.65 -7.71 30.39
N LYS A 2 -10.87 -8.69 29.96
CA LYS A 2 -10.51 -9.80 30.84
C LYS A 2 -9.13 -9.54 31.47
N TYR A 3 -8.27 -8.83 30.74
CA TYR A 3 -6.89 -8.57 31.19
C TYR A 3 -6.57 -7.07 31.11
N GLN A 4 -6.01 -6.52 32.18
CA GLN A 4 -5.76 -5.06 32.31
C GLN A 4 -4.79 -4.46 31.27
N SER A 5 -3.94 -5.29 30.68
CA SER A 5 -2.96 -4.82 29.69
C SER A 5 -3.59 -4.54 28.31
N GLN A 6 -4.79 -5.06 28.08
CA GLN A 6 -5.55 -4.82 26.87
C GLN A 6 -5.85 -3.33 26.63
N SER A 7 -5.59 -2.49 27.62
CA SER A 7 -5.83 -1.06 27.47
C SER A 7 -4.68 -0.31 26.78
N ILE A 8 -3.54 -0.97 26.59
CA ILE A 8 -2.47 -0.43 25.75
C ILE A 8 -3.02 -0.19 24.32
N ALA A 9 -3.91 -1.06 23.89
CA ALA A 9 -4.51 -0.92 22.57
C ALA A 9 -5.17 0.44 22.36
N LEU A 10 -5.62 1.06 23.44
CA LEU A 10 -6.37 2.29 23.34
C LEU A 10 -5.45 3.47 23.00
N VAL A 11 -4.23 3.43 23.50
CA VAL A 11 -3.24 4.47 23.19
C VAL A 11 -2.79 4.36 21.72
N TYR A 12 -2.55 3.12 21.28
CA TYR A 12 -2.23 2.85 19.89
C TYR A 12 -3.32 3.35 18.97
N PHE A 13 -4.57 2.97 19.24
CA PHE A 13 -5.71 3.37 18.39
C PHE A 13 -5.80 4.89 18.30
N ALA A 14 -5.69 5.55 19.47
CA ALA A 14 -5.64 7.01 19.58
C ALA A 14 -4.66 7.63 18.59
N VAL A 15 -3.38 7.24 18.67
CA VAL A 15 -2.37 7.78 17.77
C VAL A 15 -2.72 7.45 16.31
N ALA A 16 -3.01 6.18 16.05
CA ALA A 16 -3.37 5.71 14.71
C ALA A 16 -4.50 6.53 14.12
N LEU A 17 -5.52 6.84 14.93
CA LEU A 17 -6.63 7.63 14.45
C LEU A 17 -6.21 9.08 14.20
N GLY A 18 -5.29 9.58 15.04
CA GLY A 18 -4.70 10.89 14.82
C GLY A 18 -4.11 10.91 13.43
N LEU A 19 -3.31 9.90 13.13
CA LEU A 19 -2.61 9.76 11.87
C LEU A 19 -3.53 9.47 10.69
N PHE A 20 -4.63 8.76 10.94
CA PHE A 20 -5.68 8.56 9.96
C PHE A 20 -6.25 9.90 9.48
N ALA A 21 -6.58 10.80 10.42
CA ALA A 21 -7.05 12.15 10.05
C ALA A 21 -6.03 12.93 9.21
N ILE A 22 -4.73 12.82 9.52
CA ILE A 22 -3.73 13.45 8.64
C ILE A 22 -3.70 12.80 7.25
N GLN A 23 -3.74 11.47 7.20
CA GLN A 23 -3.72 10.72 5.93
C GLN A 23 -4.77 11.14 4.89
N VAL A 24 -6.04 11.20 5.29
CA VAL A 24 -7.09 11.57 4.32
C VAL A 24 -7.04 13.06 3.97
N SER A 25 -6.62 13.91 4.91
CA SER A 25 -6.48 15.31 4.58
C SER A 25 -5.37 15.50 3.55
N GLY A 26 -4.34 14.66 3.65
CA GLY A 26 -3.29 14.62 2.65
C GLY A 26 -3.89 14.22 1.32
N GLY A 27 -4.76 13.22 1.34
CA GLY A 27 -5.45 12.81 0.12
C GLY A 27 -6.27 13.92 -0.51
N LEU A 28 -7.14 14.53 0.30
CA LEU A 28 -7.97 15.62 -0.18
C LEU A 28 -7.13 16.70 -0.85
N LEU A 29 -6.02 17.07 -0.22
CA LEU A 29 -5.09 18.05 -0.77
C LEU A 29 -4.55 17.64 -2.16
N LEU A 30 -4.05 16.40 -2.27
CA LEU A 30 -3.63 15.84 -3.53
C LEU A 30 -4.71 15.96 -4.57
N GLY A 31 -5.94 15.68 -4.16
CA GLY A 31 -7.08 15.75 -5.07
C GLY A 31 -7.29 17.17 -5.56
N TRP A 32 -7.18 18.11 -4.63
CA TRP A 32 -7.35 19.51 -4.95
C TRP A 32 -6.23 20.03 -5.87
N ILE A 33 -4.99 19.66 -5.59
CA ILE A 33 -3.88 19.99 -6.49
C ILE A 33 -4.12 19.48 -7.93
N TYR A 34 -4.73 18.31 -8.07
CA TYR A 34 -5.11 17.80 -9.40
C TYR A 34 -6.00 18.77 -10.21
N VAL A 35 -6.99 19.37 -9.57
CA VAL A 35 -7.91 20.30 -10.25
C VAL A 35 -7.44 21.76 -10.20
N SER A 36 -6.45 22.05 -9.37
CA SER A 36 -6.01 23.41 -9.15
C SER A 36 -4.47 23.37 -9.02
N PRO A 37 -3.77 23.05 -10.12
CA PRO A 37 -2.36 22.62 -10.11
C PRO A 37 -1.37 23.64 -9.59
N ASN A 38 -1.78 24.91 -9.53
CA ASN A 38 -0.85 25.96 -9.15
C ASN A 38 -0.74 26.16 -7.65
N PHE A 39 -1.63 25.49 -6.91
CA PHE A 39 -1.78 25.63 -5.46
C PHE A 39 -0.56 25.13 -4.70
N LEU A 40 0.00 26.03 -3.89
CA LEU A 40 1.17 25.75 -3.09
C LEU A 40 2.25 25.07 -3.91
N SER A 41 2.25 25.33 -5.22
CA SER A 41 3.11 24.61 -6.16
C SER A 41 4.61 24.81 -5.94
N GLU A 42 4.98 25.73 -5.05
CA GLU A 42 6.38 25.96 -4.70
C GLU A 42 6.76 25.60 -3.27
N ILE A 43 5.87 25.83 -2.31
CA ILE A 43 6.07 25.40 -0.93
C ILE A 43 5.74 23.93 -0.69
N LEU A 44 4.58 23.48 -1.13
CA LEU A 44 4.22 22.04 -1.03
C LEU A 44 3.93 21.44 -2.41
N PRO A 45 4.97 20.94 -3.09
CA PRO A 45 4.71 20.30 -4.39
C PRO A 45 4.00 18.95 -4.23
N PHE A 46 3.38 18.44 -5.29
CA PHE A 46 2.60 17.19 -5.30
C PHE A 46 3.35 15.99 -4.68
N ASN A 47 4.55 15.73 -5.14
CA ASN A 47 5.36 14.62 -4.64
C ASN A 47 5.63 14.67 -3.13
N ILE A 48 5.74 15.86 -2.56
CA ILE A 48 5.87 15.95 -1.12
C ILE A 48 4.56 15.55 -0.45
N VAL A 49 3.45 16.13 -0.89
CA VAL A 49 2.15 15.82 -0.31
C VAL A 49 1.88 14.33 -0.44
N ARG A 50 2.29 13.75 -1.57
CA ARG A 50 2.04 12.34 -1.86
C ARG A 50 2.72 11.43 -0.86
N MET A 51 4.03 11.61 -0.69
CA MET A 51 4.79 10.87 0.32
C MET A 51 4.06 10.89 1.64
N LEU A 52 3.48 12.04 1.98
CA LEU A 52 2.82 12.19 3.26
C LEU A 52 1.51 11.41 3.28
N HIS A 53 0.80 11.42 2.16
CA HIS A 53 -0.45 10.66 2.01
C HIS A 53 -0.16 9.15 2.09
N THR A 54 0.92 8.71 1.48
CA THR A 54 1.17 7.28 1.41
C THR A 54 1.84 6.75 2.67
N ASN A 55 2.83 7.47 3.20
CA ASN A 55 3.51 6.97 4.39
C ASN A 55 2.62 6.96 5.61
N SER A 56 1.83 8.00 5.81
CA SER A 56 0.95 8.05 6.97
C SER A 56 -0.08 6.96 6.86
N LEU A 57 -0.41 6.59 5.62
CA LEU A 57 -1.23 5.41 5.43
C LEU A 57 -0.55 4.13 5.94
N ILE A 58 0.68 3.85 5.48
CA ILE A 58 1.42 2.66 5.95
C ILE A 58 1.57 2.68 7.47
N VAL A 59 1.97 3.83 8.02
CA VAL A 59 2.25 3.95 9.44
C VAL A 59 0.99 3.79 10.30
N TRP A 60 -0.09 4.46 9.92
CA TRP A 60 -1.29 4.31 10.75
C TRP A 60 -1.91 2.91 10.66
N LEU A 61 -1.85 2.28 9.50
CA LEU A 61 -2.37 0.91 9.36
C LEU A 61 -1.61 -0.03 10.26
N LEU A 62 -0.28 0.12 10.29
CA LEU A 62 0.57 -0.67 11.17
C LEU A 62 0.24 -0.48 12.64
N LEU A 63 0.11 0.77 13.07
CA LEU A 63 -0.28 1.08 14.43
C LEU A 63 -1.64 0.48 14.76
N GLY A 64 -2.54 0.50 13.79
CA GLY A 64 -3.80 -0.25 13.92
C GLY A 64 -3.55 -1.72 14.22
N PHE A 65 -2.68 -2.36 13.41
CA PHE A 65 -2.36 -3.79 13.62
C PHE A 65 -1.70 -4.01 14.98
N MET A 66 -0.81 -3.09 15.37
CA MET A 66 -0.10 -3.23 16.63
C MET A 66 -1.09 -3.11 17.76
N GLY A 67 -1.89 -2.06 17.71
CA GLY A 67 -3.00 -1.89 18.65
C GLY A 67 -3.89 -3.11 18.72
N ALA A 68 -4.41 -3.54 17.58
CA ALA A 68 -5.20 -4.77 17.51
C ALA A 68 -4.48 -5.99 18.09
N ALA A 69 -3.17 -6.12 17.84
CA ALA A 69 -2.43 -7.23 18.45
C ALA A 69 -2.41 -7.12 19.97
N TYR A 70 -2.18 -5.93 20.51
CA TYR A 70 -2.23 -5.76 21.97
C TYR A 70 -3.62 -5.94 22.56
N PHE A 71 -4.66 -5.83 21.74
CA PHE A 71 -5.98 -6.16 22.26
C PHE A 71 -6.30 -7.64 22.13
N VAL A 72 -6.06 -8.21 20.96
CA VAL A 72 -6.46 -9.59 20.65
C VAL A 72 -5.55 -10.69 21.26
N ILE A 73 -4.29 -10.38 21.55
CA ILE A 73 -3.39 -11.41 22.08
C ILE A 73 -3.76 -11.88 23.50
N PRO A 74 -3.68 -10.99 24.53
CA PRO A 74 -4.09 -11.43 25.87
C PRO A 74 -5.43 -12.20 25.92
N GLU A 75 -6.41 -11.77 25.15
CA GLU A 75 -7.73 -12.41 25.11
C GLU A 75 -7.66 -13.86 24.62
N GLU A 76 -6.87 -14.11 23.58
CA GLU A 76 -6.71 -15.47 23.04
C GLU A 76 -5.66 -16.29 23.80
N SER A 77 -4.66 -15.62 24.34
CA SER A 77 -3.57 -16.30 25.04
C SER A 77 -3.89 -16.55 26.50
N GLU A 78 -5.09 -16.10 26.90
CA GLU A 78 -5.58 -16.20 28.28
C GLU A 78 -4.59 -15.70 29.35
N ARG A 79 -3.74 -14.75 28.98
CA ARG A 79 -2.83 -14.13 29.95
C ARG A 79 -2.53 -12.65 29.67
N GLU A 80 -1.93 -11.98 30.65
CA GLU A 80 -1.52 -10.60 30.51
C GLU A 80 -0.31 -10.55 29.59
N ILE A 81 -0.12 -9.41 28.90
CA ILE A 81 1.03 -9.19 28.00
C ILE A 81 2.37 -9.26 28.73
N HIS A 82 3.37 -9.85 28.09
CA HIS A 82 4.67 -10.08 28.69
C HIS A 82 5.29 -8.83 29.35
N SER A 83 5.18 -7.67 28.72
CA SER A 83 5.75 -6.44 29.28
C SER A 83 5.13 -5.15 28.72
N PRO A 84 4.22 -4.53 29.48
CA PRO A 84 3.73 -3.20 29.10
C PRO A 84 4.84 -2.18 28.77
N LEU A 85 5.94 -2.19 29.52
CA LEU A 85 6.99 -1.21 29.26
C LEU A 85 7.46 -1.29 27.79
N LEU A 86 7.65 -2.50 27.27
CA LEU A 86 8.06 -2.69 25.88
C LEU A 86 7.04 -2.05 24.92
N ALA A 87 5.76 -2.40 25.08
CA ALA A 87 4.69 -1.79 24.29
C ALA A 87 4.76 -0.25 24.22
N TYR A 88 4.97 0.40 25.36
CA TYR A 88 5.00 1.84 25.33
C TYR A 88 6.28 2.36 24.70
N LEU A 89 7.40 1.70 24.94
CA LEU A 89 8.67 2.11 24.33
C LEU A 89 8.63 1.94 22.80
N GLN A 90 8.06 0.81 22.36
CA GLN A 90 7.74 0.54 20.96
C GLN A 90 6.94 1.72 20.34
N LEU A 91 5.76 2.02 20.89
CA LEU A 91 4.95 3.16 20.43
C LEU A 91 5.67 4.53 20.50
N ALA A 92 6.52 4.73 21.50
CA ALA A 92 7.31 5.95 21.53
C ALA A 92 8.30 5.97 20.36
N ILE A 93 8.94 4.84 20.08
CA ILE A 93 9.84 4.79 18.92
C ILE A 93 9.05 5.17 17.67
N MET A 94 7.93 4.48 17.46
CA MET A 94 7.02 4.77 16.35
C MET A 94 6.69 6.26 16.23
N VAL A 95 6.17 6.87 17.30
CA VAL A 95 5.79 8.29 17.27
C VAL A 95 6.97 9.19 16.93
N LEU A 96 8.12 8.94 17.54
CA LEU A 96 9.36 9.65 17.17
C LEU A 96 9.71 9.50 15.71
N GLY A 97 9.60 8.28 15.20
CA GLY A 97 9.89 7.97 13.81
C GLY A 97 8.94 8.71 12.91
N THR A 98 7.65 8.61 13.20
CA THR A 98 6.63 9.24 12.37
C THR A 98 6.74 10.77 12.41
N LEU A 99 7.14 11.33 13.53
CA LEU A 99 7.42 12.78 13.59
C LEU A 99 8.61 13.19 12.71
N GLY A 100 9.73 12.50 12.85
CA GLY A 100 10.91 12.73 12.02
C GLY A 100 10.57 12.72 10.54
N VAL A 101 9.79 11.73 10.11
CA VAL A 101 9.36 11.60 8.70
C VAL A 101 8.56 12.83 8.27
N VAL A 102 7.60 13.27 9.09
CA VAL A 102 6.78 14.42 8.69
C VAL A 102 7.67 15.64 8.51
N VAL A 103 8.51 15.88 9.51
CA VAL A 103 9.36 17.08 9.55
C VAL A 103 10.49 17.07 8.49
N THR A 104 11.01 15.88 8.17
CA THR A 104 12.01 15.73 7.12
C THR A 104 11.42 16.00 5.75
N TYR A 105 10.27 15.39 5.45
CA TYR A 105 9.65 15.60 4.14
C TYR A 105 9.27 17.05 3.89
N LEU A 106 8.68 17.70 4.91
CA LEU A 106 8.16 19.07 4.78
C LEU A 106 9.25 20.09 4.51
N PHE A 107 10.36 20.00 5.24
CA PHE A 107 11.37 21.04 5.23
C PHE A 107 12.63 20.62 4.48
N ASN A 108 12.59 19.42 3.91
CA ASN A 108 13.73 18.79 3.24
C ASN A 108 15.05 18.77 4.03
N LEU A 109 14.98 18.41 5.31
CA LEU A 109 16.16 18.31 6.18
C LEU A 109 17.23 17.29 5.71
N PHE A 110 18.49 17.71 5.75
CA PHE A 110 19.66 16.85 5.48
C PHE A 110 19.62 16.18 4.13
N GLU A 111 19.19 16.92 3.10
CA GLU A 111 19.13 16.40 1.74
C GLU A 111 20.42 15.72 1.35
N GLY A 112 20.33 14.43 1.07
CA GLY A 112 21.45 13.67 0.54
C GLY A 112 22.09 12.76 1.57
N ASN A 113 22.01 13.15 2.83
CA ASN A 113 22.63 12.41 3.92
C ASN A 113 22.18 10.96 3.94
N TRP A 114 23.15 10.04 3.88
CA TRP A 114 22.89 8.61 3.79
C TRP A 114 21.85 8.14 4.84
N LEU A 115 21.94 8.70 6.05
CA LEU A 115 21.15 8.23 7.22
C LEU A 115 20.00 9.16 7.64
N LEU A 116 20.22 10.48 7.55
CA LEU A 116 19.24 11.48 8.00
C LEU A 116 18.23 12.03 6.98
N GLY A 117 18.61 12.10 5.71
CA GLY A 117 17.77 12.69 4.67
C GLY A 117 16.80 11.67 4.08
N LYS A 118 15.89 12.12 3.22
CA LYS A 118 14.90 11.17 2.69
C LYS A 118 15.47 10.26 1.62
N GLU A 119 14.97 9.03 1.55
CA GLU A 119 15.32 8.14 0.46
C GLU A 119 14.28 8.38 -0.63
N GLY A 120 14.25 7.54 -1.66
CA GLY A 120 13.38 7.89 -2.78
C GLY A 120 12.71 6.84 -3.63
N ARG A 121 12.21 5.78 -3.04
CA ARG A 121 11.37 4.86 -3.82
C ARG A 121 9.95 4.81 -3.21
N GLU A 122 8.94 4.55 -4.04
CA GLU A 122 7.54 4.60 -3.60
C GLU A 122 7.38 3.90 -2.26
N PHE A 123 6.79 4.62 -1.31
CA PHE A 123 6.46 4.15 0.03
C PHE A 123 7.69 3.89 0.89
N LEU A 124 8.88 4.07 0.34
CA LEU A 124 10.08 3.77 1.11
C LEU A 124 11.03 4.99 1.09
N GLU A 125 10.45 6.16 1.32
CA GLU A 125 11.17 7.42 1.28
C GLU A 125 11.70 7.80 2.66
N GLN A 126 11.35 7.02 3.68
CA GLN A 126 11.71 7.32 5.07
C GLN A 126 13.22 7.41 5.20
N PRO A 127 13.69 8.46 5.88
CA PRO A 127 15.12 8.48 6.21
C PRO A 127 15.53 7.14 6.85
N VAL A 128 16.74 6.67 6.61
CA VAL A 128 17.07 5.32 7.08
C VAL A 128 17.06 5.20 8.62
N TRP A 129 17.26 6.30 9.33
CA TRP A 129 17.09 6.22 10.79
C TRP A 129 15.65 5.80 11.16
N VAL A 130 14.66 6.35 10.46
CA VAL A 130 13.27 5.97 10.68
C VAL A 130 13.04 4.51 10.31
N LYS A 131 13.57 4.05 9.17
CA LYS A 131 13.44 2.62 8.77
C LYS A 131 14.00 1.71 9.85
N MET A 132 15.16 2.10 10.41
CA MET A 132 15.78 1.40 11.54
C MET A 132 14.87 1.41 12.76
N GLY A 133 14.38 2.60 13.10
CA GLY A 133 13.36 2.77 14.16
C GLY A 133 12.23 1.77 14.03
N ILE A 134 11.60 1.72 12.85
CA ILE A 134 10.51 0.79 12.54
C ILE A 134 10.93 -0.66 12.84
N VAL A 135 12.03 -1.12 12.25
CA VAL A 135 12.53 -2.47 12.58
C VAL A 135 12.75 -2.68 14.10
N VAL A 136 13.45 -1.77 14.78
CA VAL A 136 13.64 -1.91 16.23
C VAL A 136 12.25 -2.02 16.90
N ALA A 137 11.34 -1.10 16.58
CA ALA A 137 9.96 -1.16 17.09
C ALA A 137 9.26 -2.48 16.74
N ALA A 138 9.39 -2.92 15.50
CA ALA A 138 8.78 -4.17 15.08
C ALA A 138 9.31 -5.37 15.87
N LEU A 139 10.62 -5.40 16.13
CA LEU A 139 11.26 -6.55 16.77
C LEU A 139 10.80 -6.65 18.22
N ILE A 140 10.93 -5.53 18.94
CA ILE A 140 10.33 -5.35 20.26
C ILE A 140 8.89 -5.88 20.28
N PHE A 141 8.08 -5.41 19.32
CA PHE A 141 6.71 -5.85 19.16
C PHE A 141 6.61 -7.35 19.00
N MET A 142 7.44 -7.89 18.13
CA MET A 142 7.37 -9.30 17.86
C MET A 142 7.81 -10.15 19.05
N TYR A 143 8.90 -9.73 19.72
CA TYR A 143 9.32 -10.38 20.95
C TYR A 143 8.17 -10.41 21.97
N ASN A 144 7.69 -9.22 22.30
CA ASN A 144 6.61 -9.02 23.26
C ASN A 144 5.36 -9.87 23.05
N ILE A 145 4.74 -9.82 21.88
CA ILE A 145 3.56 -10.66 21.68
C ILE A 145 3.90 -12.15 21.63
N SER A 146 5.04 -12.49 21.05
CA SER A 146 5.47 -13.89 20.97
C SER A 146 5.63 -14.54 22.34
N MET A 147 6.33 -13.88 23.25
CA MET A 147 6.43 -14.32 24.66
C MET A 147 5.05 -14.54 25.29
N THR A 148 4.12 -13.63 25.02
CA THR A 148 2.78 -13.77 25.54
C THR A 148 2.01 -14.98 24.99
N VAL A 149 2.32 -15.41 23.79
CA VAL A 149 1.65 -16.59 23.25
C VAL A 149 2.38 -17.85 23.75
N LEU A 150 3.71 -17.86 23.65
CA LEU A 150 4.54 -18.95 24.19
C LEU A 150 4.08 -19.40 25.58
N GLN A 151 3.86 -18.44 26.49
CA GLN A 151 3.53 -18.74 27.88
C GLN A 151 2.02 -18.87 28.19
N GLY A 152 1.20 -18.91 27.15
CA GLY A 152 -0.25 -18.96 27.30
C GLY A 152 -0.87 -19.90 26.28
N ARG A 153 -2.19 -19.85 26.18
CA ARG A 153 -2.94 -20.71 25.28
C ARG A 153 -2.65 -20.37 23.81
N LYS A 154 -2.35 -21.39 23.00
CA LYS A 154 -2.19 -21.18 21.56
C LYS A 154 -3.47 -21.57 20.84
N THR A 155 -3.92 -20.70 19.94
CA THR A 155 -5.07 -21.00 19.06
C THR A 155 -4.78 -20.64 17.60
N ALA A 156 -5.70 -21.02 16.71
CA ALA A 156 -5.49 -20.79 15.29
C ALA A 156 -5.41 -19.29 14.99
N ILE A 157 -6.26 -18.51 15.65
CA ILE A 157 -6.22 -17.05 15.55
C ILE A 157 -4.82 -16.55 15.91
N THR A 158 -4.35 -16.93 17.07
CA THR A 158 -3.05 -16.45 17.50
C THR A 158 -1.91 -16.87 16.55
N ASN A 159 -2.06 -18.01 15.89
CA ASN A 159 -0.99 -18.55 15.06
C ASN A 159 -0.85 -17.84 13.74
N VAL A 160 -1.97 -17.75 13.03
CA VAL A 160 -2.07 -16.98 11.78
C VAL A 160 -1.60 -15.55 12.04
N LEU A 161 -2.15 -14.90 13.08
CA LEU A 161 -1.76 -13.55 13.44
C LEU A 161 -0.25 -13.41 13.62
N LEU A 162 0.36 -14.25 14.46
CA LEU A 162 1.83 -14.20 14.65
C LEU A 162 2.63 -14.43 13.36
N LEU A 163 2.19 -15.34 12.52
CA LEU A 163 2.84 -15.59 11.23
C LEU A 163 2.81 -14.36 10.34
N GLY A 164 1.60 -13.92 9.98
CA GLY A 164 1.39 -12.68 9.24
C GLY A 164 2.24 -11.54 9.77
N LEU A 165 2.17 -11.32 11.08
CA LEU A 165 2.94 -10.26 11.70
C LEU A 165 4.45 -10.47 11.63
N TRP A 166 4.91 -11.69 11.86
CA TRP A 166 6.35 -11.99 11.68
C TRP A 166 6.78 -11.84 10.22
N GLY A 167 6.00 -12.39 9.30
CA GLY A 167 6.28 -12.27 7.87
C GLY A 167 6.35 -10.81 7.41
N LEU A 168 5.38 -10.02 7.86
CA LEU A 168 5.31 -8.58 7.63
C LEU A 168 6.60 -7.87 8.06
N THR A 169 7.03 -8.13 9.29
CA THR A 169 8.24 -7.53 9.82
C THR A 169 9.46 -7.86 8.97
N LEU A 170 9.67 -9.15 8.70
CA LEU A 170 10.89 -9.63 8.04
C LEU A 170 11.01 -9.19 6.58
N LEU A 171 9.88 -9.20 5.88
CA LEU A 171 9.83 -8.63 4.54
C LEU A 171 10.17 -7.14 4.52
N PHE A 172 9.95 -6.41 5.62
CA PHE A 172 10.36 -5.01 5.66
C PHE A 172 11.85 -4.84 5.43
N LEU A 173 12.65 -5.80 5.89
CA LEU A 173 14.11 -5.77 5.70
C LEU A 173 14.57 -5.54 4.24
N PHE A 174 13.77 -6.03 3.28
CA PHE A 174 14.04 -5.78 1.86
C PHE A 174 14.07 -4.28 1.50
N ALA A 175 13.46 -3.43 2.32
CA ALA A 175 13.48 -1.97 2.14
C ALA A 175 14.86 -1.40 2.27
N PHE A 176 15.80 -2.21 2.77
CA PHE A 176 17.19 -1.80 2.91
C PHE A 176 18.00 -2.16 1.68
N TYR A 177 17.54 -3.15 0.92
CA TYR A 177 18.25 -3.55 -0.26
C TYR A 177 17.80 -2.66 -1.40
N ASN A 178 18.70 -1.79 -1.82
CA ASN A 178 18.47 -0.86 -2.91
C ASN A 178 19.56 -0.98 -4.00
N PRO A 179 19.45 -2.02 -4.86
CA PRO A 179 20.48 -2.32 -5.88
C PRO A 179 20.60 -1.21 -6.91
N SER A 180 21.81 -0.95 -7.41
CA SER A 180 22.00 0.10 -8.42
C SER A 180 21.29 -0.20 -9.75
N ASN A 181 20.77 -1.43 -9.88
CA ASN A 181 20.08 -1.88 -11.08
C ASN A 181 18.55 -1.69 -11.01
N LEU A 182 18.03 -0.76 -11.80
CA LEU A 182 16.60 -0.43 -11.73
C LEU A 182 15.70 -1.66 -11.79
N ALA A 183 16.00 -2.61 -12.66
CA ALA A 183 15.12 -3.76 -12.81
C ALA A 183 15.12 -4.61 -11.53
N LEU A 184 16.30 -4.78 -10.94
CA LEU A 184 16.44 -5.55 -9.72
C LEU A 184 15.72 -4.83 -8.61
N ASP A 185 16.00 -3.54 -8.50
CA ASP A 185 15.32 -2.64 -7.58
C ASP A 185 13.81 -2.87 -7.60
N LYS A 186 13.23 -2.81 -8.79
CA LYS A 186 11.80 -2.97 -8.95
C LYS A 186 11.33 -4.35 -8.56
N MET A 187 12.15 -5.36 -8.83
CA MET A 187 11.80 -6.73 -8.50
C MET A 187 11.69 -6.95 -7.00
N TYR A 188 12.67 -6.48 -6.24
CA TYR A 188 12.60 -6.71 -4.80
C TYR A 188 11.73 -5.70 -4.09
N TRP A 189 11.41 -4.60 -4.76
CA TRP A 189 10.47 -3.63 -4.24
C TRP A 189 9.09 -4.26 -3.98
N TRP A 190 8.68 -5.18 -4.85
CA TRP A 190 7.39 -5.83 -4.69
C TRP A 190 7.39 -6.85 -3.57
N TYR A 191 8.57 -7.22 -3.08
CA TYR A 191 8.65 -8.14 -1.94
C TYR A 191 8.03 -7.45 -0.75
N VAL A 192 8.27 -6.15 -0.67
CA VAL A 192 7.70 -5.34 0.40
C VAL A 192 6.22 -5.11 0.13
N VAL A 193 5.89 -4.44 -0.97
CA VAL A 193 4.55 -3.93 -1.21
C VAL A 193 3.52 -5.05 -1.39
N HIS A 194 3.79 -5.94 -2.34
CA HIS A 194 2.82 -6.99 -2.68
C HIS A 194 2.77 -8.14 -1.65
N LEU A 195 3.93 -8.62 -1.18
CA LEU A 195 3.94 -9.71 -0.20
C LEU A 195 3.55 -9.22 1.20
N TRP A 196 3.43 -7.90 1.34
CA TRP A 196 2.74 -7.34 2.46
C TRP A 196 1.26 -7.49 2.14
N VAL A 197 0.78 -6.63 1.26
CA VAL A 197 -0.66 -6.45 1.09
C VAL A 197 -1.44 -7.72 0.68
N GLU A 198 -0.83 -8.56 -0.15
CA GLU A 198 -1.49 -9.77 -0.64
C GLU A 198 -0.90 -11.04 -0.03
N GLY A 199 0.06 -10.86 0.88
CA GLY A 199 0.73 -11.99 1.50
C GLY A 199 0.54 -11.95 3.00
N THR A 200 1.56 -11.47 3.70
CA THR A 200 1.51 -11.35 5.15
C THR A 200 0.27 -10.61 5.69
N TRP A 201 0.00 -9.41 5.19
CA TRP A 201 -1.15 -8.60 5.65
C TRP A 201 -2.48 -9.32 5.49
N GLU A 202 -2.55 -10.23 4.50
CA GLU A 202 -3.76 -11.02 4.30
C GLU A 202 -3.98 -11.98 5.44
N LEU A 203 -2.91 -12.53 5.99
CA LEU A 203 -3.02 -13.39 7.16
C LEU A 203 -3.63 -12.58 8.31
N VAL A 204 -3.04 -11.40 8.54
CA VAL A 204 -3.49 -10.49 9.60
C VAL A 204 -4.96 -10.09 9.40
N MET A 205 -5.33 -9.79 8.17
CA MET A 205 -6.72 -9.45 7.91
C MET A 205 -7.66 -10.60 8.24
N ALA A 206 -7.27 -11.82 7.86
CA ALA A 206 -8.13 -12.97 8.02
C ALA A 206 -8.23 -13.42 9.47
N SER A 207 -7.11 -13.38 10.18
CA SER A 207 -7.08 -13.81 11.58
C SER A 207 -7.81 -12.85 12.50
N VAL A 208 -7.78 -11.56 12.16
CA VAL A 208 -8.45 -10.53 12.97
C VAL A 208 -9.94 -10.59 12.62
N LEU A 209 -10.23 -10.83 11.35
CA LEU A 209 -11.61 -10.98 10.92
C LEU A 209 -12.23 -12.24 11.54
N ALA A 210 -11.39 -13.26 11.76
CA ALA A 210 -11.78 -14.47 12.44
C ALA A 210 -12.23 -14.09 13.84
N PHE A 211 -11.28 -13.57 14.62
CA PHE A 211 -11.53 -13.08 15.97
C PHE A 211 -12.76 -12.17 16.09
N LEU A 212 -12.93 -11.26 15.15
CA LEU A 212 -14.13 -10.44 15.14
C LEU A 212 -15.39 -11.30 15.09
N MET A 213 -15.61 -11.98 13.97
CA MET A 213 -16.77 -12.85 13.80
C MET A 213 -16.96 -13.76 14.99
N LEU A 214 -15.87 -14.36 15.46
CA LEU A 214 -15.93 -15.13 16.68
C LEU A 214 -16.76 -14.44 17.78
N LYS A 215 -16.41 -13.18 18.09
CA LYS A 215 -17.03 -12.45 19.21
C LYS A 215 -18.40 -11.86 18.90
N LEU A 216 -18.61 -11.39 17.68
CA LEU A 216 -19.88 -10.74 17.33
C LEU A 216 -21.03 -11.73 17.03
N THR A 217 -20.69 -12.96 16.64
CA THR A 217 -21.71 -13.94 16.21
C THR A 217 -21.88 -15.11 17.19
N GLY A 218 -20.81 -15.46 17.88
CA GLY A 218 -20.90 -16.50 18.89
C GLY A 218 -20.85 -17.91 18.35
N VAL A 219 -20.58 -18.05 17.06
CA VAL A 219 -20.22 -19.34 16.47
C VAL A 219 -18.93 -19.84 17.15
N ASP A 220 -18.72 -21.17 17.19
CA ASP A 220 -17.63 -21.68 18.02
C ASP A 220 -16.31 -21.92 17.29
N ARG A 221 -15.23 -21.69 18.04
CA ARG A 221 -13.85 -21.91 17.61
C ARG A 221 -13.70 -22.78 16.37
N GLU A 222 -14.19 -24.02 16.45
CA GLU A 222 -13.91 -25.02 15.43
C GLU A 222 -14.47 -24.68 14.06
N ILE A 223 -15.63 -24.04 14.02
CA ILE A 223 -16.17 -23.55 12.75
C ILE A 223 -15.38 -22.33 12.22
N ILE A 224 -15.06 -21.40 13.13
CA ILE A 224 -14.27 -20.20 12.79
C ILE A 224 -12.84 -20.58 12.36
N GLU A 225 -12.19 -21.45 13.12
CA GLU A 225 -10.79 -21.74 12.86
C GLU A 225 -10.57 -22.70 11.69
N LYS A 226 -11.61 -23.42 11.29
CA LYS A 226 -11.53 -24.24 10.09
C LYS A 226 -11.42 -23.26 8.94
N TRP A 227 -12.53 -22.56 8.69
CA TRP A 227 -12.60 -21.49 7.71
C TRP A 227 -11.36 -20.60 7.71
N LEU A 228 -10.79 -20.34 8.89
CA LEU A 228 -9.59 -19.52 8.97
C LEU A 228 -8.47 -20.14 8.11
N TYR A 229 -7.96 -21.30 8.53
CA TYR A 229 -6.93 -22.05 7.79
C TYR A 229 -7.20 -22.30 6.29
N LEU A 230 -8.47 -22.51 5.92
CA LEU A 230 -8.85 -22.62 4.51
C LEU A 230 -8.64 -21.33 3.74
N ILE A 231 -9.08 -20.24 4.33
CA ILE A 231 -8.99 -18.92 3.72
C ILE A 231 -7.54 -18.54 3.51
N VAL A 232 -6.73 -18.67 4.55
CA VAL A 232 -5.32 -18.32 4.44
C VAL A 232 -4.49 -19.30 3.60
N ALA A 233 -5.03 -20.50 3.39
CA ALA A 233 -4.40 -21.41 2.45
C ALA A 233 -4.57 -20.83 1.06
N THR A 234 -5.82 -20.63 0.65
CA THR A 234 -6.09 -20.13 -0.69
C THR A 234 -5.33 -18.82 -0.95
N ALA A 235 -5.20 -17.97 0.06
CA ALA A 235 -4.48 -16.71 -0.04
C ALA A 235 -3.00 -16.88 -0.41
N LEU A 236 -2.28 -17.71 0.33
CA LEU A 236 -0.85 -17.96 0.08
C LEU A 236 -0.55 -18.79 -1.17
N PHE A 237 -1.49 -19.65 -1.56
CA PHE A 237 -1.38 -20.46 -2.78
C PHE A 237 -1.42 -19.56 -4.01
N SER A 238 -2.40 -18.65 -4.01
CA SER A 238 -2.58 -17.65 -5.06
C SER A 238 -1.70 -16.40 -4.88
N GLY A 239 -1.51 -15.96 -3.65
CA GLY A 239 -0.76 -14.73 -3.41
C GLY A 239 0.71 -14.75 -3.78
N ILE A 240 1.43 -15.80 -3.39
CA ILE A 240 2.89 -15.78 -3.55
C ILE A 240 3.31 -15.83 -5.02
N LEU A 241 2.78 -16.76 -5.79
CA LEU A 241 3.13 -16.82 -7.21
C LEU A 241 2.49 -15.67 -7.95
N GLY A 242 1.35 -15.21 -7.45
CA GLY A 242 0.62 -14.09 -8.04
C GLY A 242 1.40 -12.79 -7.99
N THR A 243 2.51 -12.78 -7.27
CA THR A 243 3.45 -11.64 -7.27
C THR A 243 3.82 -11.27 -8.69
N GLY A 244 3.81 -12.27 -9.56
CA GLY A 244 4.04 -12.12 -10.98
C GLY A 244 3.21 -11.11 -11.74
N HIS A 245 2.04 -10.70 -11.22
CA HIS A 245 1.28 -9.61 -11.88
C HIS A 245 2.00 -8.23 -11.82
N HIS A 246 2.96 -8.10 -10.91
CA HIS A 246 3.81 -6.91 -10.80
C HIS A 246 5.12 -7.11 -11.60
N TYR A 247 5.30 -8.33 -12.12
CA TYR A 247 6.50 -8.69 -12.88
C TYR A 247 6.29 -8.80 -14.40
N PHE A 248 5.29 -8.12 -14.96
CA PHE A 248 5.08 -8.14 -16.42
C PHE A 248 6.06 -7.23 -17.19
N TRP A 249 6.17 -5.98 -16.77
CA TRP A 249 6.80 -4.96 -17.60
C TRP A 249 8.03 -4.29 -16.95
N ILE A 250 8.67 -4.97 -16.00
CA ILE A 250 9.78 -4.35 -15.27
C ILE A 250 11.19 -4.87 -15.65
N GLY A 251 11.23 -5.83 -16.59
CA GLY A 251 12.49 -6.44 -17.01
C GLY A 251 12.72 -7.85 -16.47
N THR A 252 11.73 -8.36 -15.73
CA THR A 252 11.71 -9.76 -15.35
C THR A 252 11.39 -10.58 -16.62
N PRO A 253 11.65 -11.91 -16.57
CA PRO A 253 11.42 -12.83 -17.71
C PRO A 253 9.99 -12.85 -18.19
N GLY A 254 9.78 -13.26 -19.44
CA GLY A 254 8.44 -13.33 -20.02
C GLY A 254 7.49 -14.31 -19.37
N TYR A 255 8.05 -15.31 -18.70
CA TYR A 255 7.25 -16.41 -18.17
C TYR A 255 6.28 -15.95 -17.11
N TRP A 256 6.63 -14.86 -16.43
CA TRP A 256 5.77 -14.27 -15.42
C TRP A 256 4.41 -13.84 -15.99
N GLN A 257 4.34 -13.53 -17.28
CA GLN A 257 3.05 -13.23 -17.91
C GLN A 257 2.05 -14.38 -17.75
N TRP A 258 2.56 -15.60 -17.70
CA TRP A 258 1.69 -16.76 -17.53
C TRP A 258 1.47 -17.05 -16.04
N ILE A 259 2.56 -17.33 -15.32
CA ILE A 259 2.48 -17.65 -13.91
C ILE A 259 1.66 -16.58 -13.24
N GLY A 260 2.10 -15.34 -13.42
CA GLY A 260 1.52 -14.20 -12.76
C GLY A 260 0.07 -14.03 -13.11
N SER A 261 -0.25 -14.07 -14.39
CA SER A 261 -1.63 -13.86 -14.83
C SER A 261 -2.61 -14.93 -14.32
N ILE A 262 -2.12 -16.16 -14.16
CA ILE A 262 -2.96 -17.27 -13.69
C ILE A 262 -3.17 -17.22 -12.17
N PHE A 263 -2.08 -17.06 -11.42
CA PHE A 263 -2.14 -17.02 -9.96
C PHE A 263 -2.78 -15.76 -9.40
N SER A 264 -2.81 -14.74 -10.24
CA SER A 264 -3.51 -13.49 -9.97
C SER A 264 -5.01 -13.71 -9.95
N ALA A 265 -5.54 -14.39 -10.96
CA ALA A 265 -6.96 -14.65 -11.02
C ALA A 265 -7.38 -15.44 -9.79
N LEU A 266 -6.53 -16.39 -9.37
CA LEU A 266 -6.79 -17.20 -8.17
C LEU A 266 -6.82 -16.39 -6.86
N GLU A 267 -6.29 -15.18 -6.89
CA GLU A 267 -6.29 -14.33 -5.73
C GLU A 267 -7.68 -13.84 -5.34
N VAL A 268 -8.65 -13.89 -6.24
CA VAL A 268 -10.01 -13.46 -5.88
C VAL A 268 -10.67 -14.50 -4.98
N VAL A 269 -10.09 -15.71 -4.92
CA VAL A 269 -10.63 -16.79 -4.11
C VAL A 269 -10.66 -16.44 -2.60
N PRO A 270 -9.50 -16.08 -2.02
CA PRO A 270 -9.51 -15.79 -0.58
C PRO A 270 -10.40 -14.59 -0.23
N PHE A 271 -10.46 -13.60 -1.10
CA PHE A 271 -11.31 -12.43 -0.87
C PHE A 271 -12.78 -12.74 -0.99
N PHE A 272 -13.10 -13.79 -1.75
CA PHE A 272 -14.45 -14.34 -1.77
C PHE A 272 -14.67 -15.21 -0.54
N GLY A 273 -13.65 -16.00 -0.20
CA GLY A 273 -13.65 -16.76 1.06
C GLY A 273 -14.09 -15.92 2.24
N MET A 274 -13.31 -14.87 2.53
CA MET A 274 -13.59 -13.95 3.62
C MET A 274 -14.98 -13.28 3.54
N MET A 275 -15.39 -12.83 2.35
CA MET A 275 -16.71 -12.19 2.23
C MET A 275 -17.82 -13.14 2.62
N ALA A 276 -17.69 -14.40 2.19
CA ALA A 276 -18.71 -15.42 2.50
C ALA A 276 -18.59 -15.84 3.96
N PHE A 277 -17.36 -16.14 4.41
CA PHE A 277 -17.11 -16.38 5.83
C PHE A 277 -17.89 -15.41 6.70
N ALA A 278 -17.66 -14.12 6.49
CA ALA A 278 -18.32 -13.08 7.25
C ALA A 278 -19.83 -13.22 7.14
N PHE A 279 -20.35 -13.33 5.92
CA PHE A 279 -21.81 -13.46 5.75
C PHE A 279 -22.44 -14.73 6.32
N VAL A 280 -21.84 -15.91 6.13
CA VAL A 280 -22.40 -17.10 6.77
C VAL A 280 -22.39 -16.97 8.31
N MET A 281 -21.20 -16.87 8.91
CA MET A 281 -21.09 -16.69 10.37
C MET A 281 -22.18 -15.82 11.00
N VAL A 282 -22.50 -14.72 10.33
CA VAL A 282 -23.60 -13.85 10.76
C VAL A 282 -24.94 -14.57 10.65
N TRP A 283 -25.40 -14.85 9.41
CA TRP A 283 -26.64 -15.60 9.17
C TRP A 283 -26.74 -16.78 10.15
N LYS A 284 -25.63 -17.51 10.26
CA LYS A 284 -25.56 -18.75 11.00
C LYS A 284 -25.61 -18.55 12.52
N GLY A 285 -25.14 -17.41 13.02
CA GLY A 285 -24.96 -17.23 14.47
C GLY A 285 -25.98 -16.36 15.18
N ARG A 286 -25.71 -16.05 16.46
CA ARG A 286 -26.50 -15.12 17.25
C ARG A 286 -26.53 -13.73 16.58
N LYS A 287 -27.69 -13.10 16.59
CA LYS A 287 -27.87 -11.87 15.82
C LYS A 287 -28.24 -10.65 16.69
N ASP A 288 -28.18 -10.80 18.00
CA ASP A 288 -28.54 -9.68 18.87
C ASP A 288 -27.35 -9.00 19.58
N HIS A 289 -26.13 -9.17 19.05
CA HIS A 289 -24.98 -8.49 19.65
C HIS A 289 -25.19 -6.97 19.65
N PRO A 290 -25.03 -6.34 20.83
CA PRO A 290 -25.21 -4.89 20.99
C PRO A 290 -24.32 -4.01 20.08
N ASN A 291 -23.08 -4.47 19.79
CA ASN A 291 -22.15 -3.70 18.96
C ASN A 291 -22.46 -3.70 17.46
N LYS A 292 -23.62 -3.14 17.12
CA LYS A 292 -24.12 -3.03 15.75
C LYS A 292 -23.06 -2.50 14.79
N ALA A 293 -22.20 -1.61 15.28
CA ALA A 293 -21.25 -0.93 14.41
C ALA A 293 -20.04 -1.79 14.06
N ALA A 294 -19.47 -2.46 15.03
CA ALA A 294 -18.36 -3.35 14.75
C ALA A 294 -18.79 -4.48 13.83
N LEU A 295 -20.08 -4.79 13.82
CA LEU A 295 -20.57 -5.78 12.90
C LEU A 295 -20.45 -5.20 11.50
N LEU A 296 -20.95 -3.98 11.32
CA LEU A 296 -21.08 -3.36 10.00
C LEU A 296 -19.74 -3.14 9.33
N TRP A 297 -18.76 -2.63 10.08
CA TRP A 297 -17.41 -2.52 9.58
C TRP A 297 -16.81 -3.87 9.18
N SER A 298 -17.17 -4.93 9.91
CA SER A 298 -16.67 -6.27 9.64
C SER A 298 -17.20 -6.86 8.32
N LEU A 299 -18.51 -6.76 8.12
CA LEU A 299 -19.06 -7.16 6.85
C LEU A 299 -18.54 -6.21 5.79
N GLY A 300 -18.55 -4.93 6.13
CA GLY A 300 -18.07 -3.89 5.22
C GLY A 300 -16.67 -4.21 4.73
N CYS A 301 -15.79 -4.50 5.68
CA CYS A 301 -14.43 -4.88 5.39
C CYS A 301 -14.39 -6.05 4.38
N ALA A 302 -14.88 -7.22 4.79
CA ALA A 302 -14.84 -8.38 3.91
C ALA A 302 -15.52 -8.16 2.54
N THR A 303 -16.68 -7.50 2.51
CA THR A 303 -17.35 -7.16 1.24
C THR A 303 -16.52 -6.23 0.36
N LEU A 304 -16.27 -4.99 0.80
CA LEU A 304 -15.47 -4.05 -0.02
C LEU A 304 -14.08 -4.62 -0.40
N ALA A 305 -13.44 -5.37 0.50
CA ALA A 305 -12.17 -5.97 0.13
C ALA A 305 -12.36 -6.89 -1.08
N PHE A 306 -13.49 -7.61 -1.12
CA PHE A 306 -13.80 -8.44 -2.28
C PHE A 306 -14.01 -7.62 -3.55
N PHE A 307 -14.87 -6.60 -3.50
CA PHE A 307 -15.04 -5.73 -4.67
C PHE A 307 -13.78 -4.93 -4.97
N GLY A 308 -13.09 -4.49 -3.92
CA GLY A 308 -11.91 -3.68 -4.09
C GLY A 308 -10.70 -4.49 -4.52
N ALA A 309 -10.31 -5.46 -3.71
CA ALA A 309 -9.12 -6.23 -4.00
C ALA A 309 -9.43 -7.27 -5.05
N GLY A 310 -10.57 -7.95 -4.89
CA GLY A 310 -10.91 -9.08 -5.74
C GLY A 310 -11.26 -8.68 -7.16
N VAL A 311 -12.42 -8.08 -7.33
CA VAL A 311 -12.93 -7.78 -8.67
C VAL A 311 -12.07 -6.75 -9.38
N TRP A 312 -12.00 -5.53 -8.87
CA TRP A 312 -11.13 -4.50 -9.50
C TRP A 312 -9.68 -4.96 -9.66
N GLY A 313 -9.27 -5.90 -8.82
CA GLY A 313 -7.97 -6.51 -8.96
C GLY A 313 -7.98 -7.34 -10.22
N PHE A 314 -8.87 -8.31 -10.28
CA PHE A 314 -9.01 -9.18 -11.44
C PHE A 314 -9.08 -8.41 -12.75
N LEU A 315 -9.76 -7.27 -12.72
CA LEU A 315 -10.07 -6.49 -13.91
C LEU A 315 -8.85 -6.11 -14.72
N HIS A 316 -7.76 -5.75 -14.04
CA HIS A 316 -6.54 -5.34 -14.73
C HIS A 316 -5.37 -6.27 -14.44
N THR A 317 -5.68 -7.51 -14.02
CA THR A 317 -4.62 -8.46 -13.66
C THR A 317 -4.08 -9.34 -14.80
N LEU A 318 -4.89 -9.55 -15.83
CA LEU A 318 -4.48 -10.31 -17.01
C LEU A 318 -3.62 -9.45 -17.94
N HIS A 319 -2.42 -9.93 -18.25
CA HIS A 319 -1.42 -9.14 -18.99
C HIS A 319 -1.96 -8.54 -20.30
N GLY A 320 -2.84 -9.27 -20.99
CA GLY A 320 -3.56 -8.71 -22.14
C GLY A 320 -4.15 -7.34 -21.88
N ILE A 321 -4.84 -7.17 -20.76
CA ILE A 321 -5.43 -5.88 -20.37
C ILE A 321 -4.35 -5.02 -19.70
N ASN A 322 -3.56 -5.64 -18.83
CA ASN A 322 -2.56 -4.89 -18.06
C ASN A 322 -1.51 -4.16 -18.91
N TYR A 323 -1.21 -4.71 -20.07
CA TYR A 323 -0.28 -4.08 -20.99
C TYR A 323 -0.72 -2.65 -21.19
N TYR A 324 -2.04 -2.45 -21.24
CA TYR A 324 -2.60 -1.18 -21.64
C TYR A 324 -2.89 -0.25 -20.48
N THR A 325 -3.30 -0.85 -19.36
CA THR A 325 -3.80 -0.10 -18.20
C THR A 325 -2.74 0.10 -17.15
N HIS A 326 -1.57 -0.52 -17.33
CA HIS A 326 -0.46 -0.44 -16.38
C HIS A 326 -0.03 1.00 -16.15
N GLY A 327 0.26 1.32 -14.88
CA GLY A 327 0.66 2.67 -14.49
C GLY A 327 -0.34 3.72 -14.91
N THR A 328 -1.63 3.43 -14.75
CA THR A 328 -2.65 4.35 -15.20
C THR A 328 -3.65 4.67 -14.08
N GLN A 329 -4.53 5.65 -14.28
CA GLN A 329 -5.59 5.96 -13.28
C GLN A 329 -6.38 4.74 -12.81
N ILE A 330 -6.52 3.71 -13.67
CA ILE A 330 -7.12 2.43 -13.27
C ILE A 330 -6.40 1.90 -12.04
N THR A 331 -5.06 1.98 -12.06
CA THR A 331 -4.23 1.49 -10.95
C THR A 331 -4.65 2.23 -9.68
N ALA A 332 -4.80 3.55 -9.79
CA ALA A 332 -5.20 4.38 -8.65
C ALA A 332 -6.57 3.99 -8.07
N ALA A 333 -7.50 3.62 -8.93
CA ALA A 333 -8.81 3.20 -8.46
C ALA A 333 -8.79 1.88 -7.71
N HIS A 334 -8.03 0.88 -8.17
CA HIS A 334 -7.94 -0.43 -7.49
C HIS A 334 -7.35 -0.18 -6.11
N GLY A 335 -6.21 0.50 -6.08
CA GLY A 335 -5.43 0.70 -4.85
C GLY A 335 -6.22 1.37 -3.74
N HIS A 336 -7.02 2.37 -4.09
CA HIS A 336 -7.82 3.03 -3.09
C HIS A 336 -8.88 2.10 -2.48
N LEU A 337 -9.71 1.50 -3.33
CA LEU A 337 -10.76 0.59 -2.83
C LEU A 337 -10.21 -0.66 -2.18
N ALA A 338 -9.16 -1.24 -2.75
CA ALA A 338 -8.49 -2.37 -2.13
C ALA A 338 -7.96 -2.02 -0.73
N PHE A 339 -7.17 -0.95 -0.63
CA PHE A 339 -6.68 -0.54 0.69
C PHE A 339 -7.79 -0.23 1.66
N PHE A 340 -8.89 0.38 1.19
CA PHE A 340 -9.98 0.77 2.10
C PHE A 340 -10.71 -0.42 2.73
N GLY A 341 -11.16 -1.34 1.86
CA GLY A 341 -11.88 -2.55 2.24
C GLY A 341 -11.05 -3.54 3.03
N ALA A 342 -9.84 -3.84 2.56
CA ALA A 342 -9.04 -4.87 3.23
C ALA A 342 -8.41 -4.45 4.55
N TYR A 343 -7.98 -3.18 4.64
CA TYR A 343 -7.12 -2.79 5.75
C TYR A 343 -7.60 -1.62 6.59
N VAL A 344 -8.13 -0.59 5.93
CA VAL A 344 -8.71 0.53 6.67
C VAL A 344 -9.95 0.02 7.39
N SER A 345 -10.90 -0.54 6.64
CA SER A 345 -12.16 -1.02 7.23
C SER A 345 -11.90 -2.05 8.32
N LEU A 346 -10.93 -2.93 8.10
CA LEU A 346 -10.58 -3.93 9.08
C LEU A 346 -10.07 -3.30 10.38
N ASN A 347 -9.17 -2.32 10.28
CA ASN A 347 -8.75 -1.58 11.46
C ASN A 347 -9.90 -0.83 12.12
N LEU A 348 -10.75 -0.24 11.30
CA LEU A 348 -11.90 0.48 11.84
C LEU A 348 -12.89 -0.49 12.50
N ALA A 349 -13.04 -1.69 11.95
CA ALA A 349 -13.93 -2.69 12.54
C ALA A 349 -13.40 -3.12 13.90
N ILE A 350 -12.09 -3.36 13.99
CA ILE A 350 -11.53 -3.78 15.26
C ILE A 350 -11.49 -2.62 16.25
N PHE A 351 -11.39 -1.39 15.77
CA PHE A 351 -11.44 -0.22 16.66
C PHE A 351 -12.82 -0.13 17.28
N SER A 352 -13.85 -0.25 16.44
CA SER A 352 -15.26 -0.18 16.86
C SER A 352 -15.63 -1.27 17.87
N TYR A 353 -14.99 -2.44 17.74
CA TYR A 353 -15.24 -3.53 18.66
C TYR A 353 -14.63 -3.25 20.04
N ALA A 354 -13.37 -2.83 20.07
CA ALA A 354 -12.60 -2.71 21.31
C ALA A 354 -12.77 -1.39 22.09
N PHE A 355 -13.13 -0.31 21.40
CA PHE A 355 -13.35 0.95 22.10
C PHE A 355 -14.28 0.84 23.32
N PRO A 356 -15.52 0.32 23.14
CA PRO A 356 -16.39 0.23 24.31
C PRO A 356 -15.77 -0.65 25.40
N ILE A 357 -15.25 -1.82 25.02
CA ILE A 357 -14.66 -2.73 26.00
C ILE A 357 -13.58 -1.97 26.74
N LEU A 358 -12.70 -1.29 25.98
CA LEU A 358 -11.58 -0.54 26.55
C LEU A 358 -11.98 0.60 27.50
N ARG A 359 -13.11 1.22 27.23
CA ARG A 359 -13.64 2.29 28.04
C ARG A 359 -14.58 1.76 29.14
N LYS A 360 -14.65 0.43 29.25
CA LYS A 360 -15.67 -0.27 30.05
C LYS A 360 -17.04 0.39 30.04
N ARG A 361 -17.72 0.28 28.89
CA ARG A 361 -19.12 0.66 28.72
C ARG A 361 -19.74 0.04 27.48
N ASP A 362 -21.01 0.36 27.26
CA ASP A 362 -21.80 -0.28 26.21
C ASP A 362 -21.42 0.29 24.86
N PRO A 363 -21.55 -0.52 23.79
CA PRO A 363 -21.38 0.03 22.46
C PRO A 363 -22.12 1.36 22.38
N TYR A 364 -21.36 2.40 22.07
CA TYR A 364 -21.85 3.77 22.07
C TYR A 364 -21.72 4.42 20.69
N ASN A 365 -22.49 5.49 20.49
CA ASN A 365 -22.51 6.25 19.24
C ASN A 365 -22.72 5.37 18.02
N GLN A 366 -23.45 4.27 18.19
CA GLN A 366 -23.64 3.31 17.10
C GLN A 366 -24.18 3.94 15.81
N VAL A 367 -25.22 4.76 15.87
CA VAL A 367 -25.74 5.42 14.67
C VAL A 367 -24.66 6.28 14.00
N LEU A 368 -23.90 7.03 14.80
CA LEU A 368 -22.86 7.89 14.24
C LEU A 368 -21.78 7.05 13.58
N ASN A 369 -21.25 6.08 14.31
CA ASN A 369 -20.22 5.19 13.80
C ASN A 369 -20.64 4.61 12.46
N MET A 370 -21.87 4.11 12.40
CA MET A 370 -22.40 3.50 11.21
C MET A 370 -22.60 4.52 10.08
N ALA A 371 -23.04 5.71 10.44
CA ALA A 371 -23.15 6.78 9.44
C ALA A 371 -21.78 7.08 8.84
N SER A 372 -20.72 6.91 9.64
CA SER A 372 -19.36 7.17 9.15
C SER A 372 -18.96 6.12 8.12
N PHE A 373 -19.29 4.87 8.42
CA PHE A 373 -19.11 3.82 7.43
C PHE A 373 -19.81 4.10 6.10
N TRP A 374 -21.08 4.47 6.12
CA TRP A 374 -21.76 4.66 4.83
C TRP A 374 -21.13 5.80 4.07
N LEU A 375 -20.84 6.89 4.79
CA LEU A 375 -20.23 8.07 4.20
C LEU A 375 -18.83 7.76 3.64
N MET A 376 -18.00 7.01 4.38
CA MET A 376 -16.67 6.64 3.88
C MET A 376 -16.71 5.63 2.74
N ALA A 377 -17.54 4.60 2.88
CA ALA A 377 -17.74 3.58 1.84
C ALA A 377 -18.42 4.18 0.61
N GLY A 378 -19.46 4.97 0.83
CA GLY A 378 -20.17 5.63 -0.26
C GLY A 378 -19.16 6.38 -1.08
N GLY A 379 -18.64 7.45 -0.48
CA GLY A 379 -17.61 8.27 -1.10
C GLY A 379 -16.40 7.52 -1.65
N MET A 380 -16.04 6.40 -1.05
CA MET A 380 -14.87 5.66 -1.50
C MET A 380 -15.13 4.91 -2.78
N THR A 381 -16.30 4.29 -2.92
CA THR A 381 -16.56 3.53 -4.15
C THR A 381 -16.85 4.49 -5.29
N PHE A 382 -17.51 5.61 -4.99
CA PHE A 382 -17.79 6.64 -5.99
C PHE A 382 -16.49 7.16 -6.56
N MET A 383 -15.52 7.38 -5.69
CA MET A 383 -14.18 7.75 -6.11
C MET A 383 -13.62 6.69 -7.07
N THR A 384 -13.73 5.41 -6.72
CA THR A 384 -13.17 4.38 -7.59
C THR A 384 -13.89 4.19 -8.92
N PHE A 385 -15.22 4.40 -8.97
CA PHE A 385 -15.93 4.44 -10.26
C PHE A 385 -15.35 5.54 -11.14
N VAL A 386 -15.37 6.76 -10.61
CA VAL A 386 -14.86 7.97 -11.28
C VAL A 386 -13.42 7.85 -11.81
N LEU A 387 -12.55 7.16 -11.07
CA LEU A 387 -11.16 6.96 -11.52
C LEU A 387 -11.04 5.82 -12.52
N THR A 388 -12.00 4.90 -12.52
CA THR A 388 -12.07 3.86 -13.56
C THR A 388 -12.42 4.49 -14.90
N PHE A 389 -13.52 5.25 -14.95
CA PHE A 389 -13.90 6.00 -16.14
C PHE A 389 -12.70 6.79 -16.68
N ALA A 390 -12.14 7.63 -15.81
CA ALA A 390 -10.98 8.45 -16.15
C ALA A 390 -9.82 7.63 -16.71
N GLY A 391 -9.52 6.51 -16.08
CA GLY A 391 -8.45 5.64 -16.51
C GLY A 391 -8.76 4.95 -17.82
N THR A 392 -10.03 4.71 -18.10
CA THR A 392 -10.46 4.16 -19.38
C THR A 392 -10.21 5.20 -20.47
N VAL A 393 -10.73 6.41 -20.26
CA VAL A 393 -10.47 7.51 -21.18
C VAL A 393 -8.98 7.75 -21.41
N GLN A 394 -8.19 7.77 -20.35
CA GLN A 394 -6.73 7.78 -20.48
C GLN A 394 -6.17 6.60 -21.30
N THR A 395 -6.37 5.38 -20.82
CA THR A 395 -5.88 4.18 -21.50
C THR A 395 -6.17 4.19 -22.98
N HIS A 396 -7.41 4.54 -23.33
CA HIS A 396 -7.78 4.63 -24.74
C HIS A 396 -6.97 5.74 -25.40
N ALA A 397 -7.18 6.97 -24.91
CA ALA A 397 -6.60 8.15 -25.51
C ALA A 397 -5.08 8.10 -25.64
N GLN A 398 -4.37 7.60 -24.63
CA GLN A 398 -2.92 7.61 -24.74
C GLN A 398 -2.28 6.26 -25.14
N ARG A 399 -2.86 5.15 -24.69
CA ARG A 399 -2.24 3.82 -24.92
C ARG A 399 -2.67 3.10 -26.21
N VAL A 400 -3.89 3.37 -26.70
CA VAL A 400 -4.23 2.91 -28.07
C VAL A 400 -3.97 4.04 -29.08
N GLN A 401 -4.64 5.18 -28.90
CA GLN A 401 -4.52 6.34 -29.81
C GLN A 401 -3.15 7.00 -29.85
N GLY A 402 -2.38 6.91 -28.76
CA GLY A 402 -1.04 7.46 -28.71
C GLY A 402 -0.92 8.96 -28.45
N ASP A 403 -1.98 9.59 -27.96
CA ASP A 403 -1.96 11.02 -27.65
C ASP A 403 -1.08 11.27 -26.43
N TYR A 404 -0.51 12.48 -26.34
CA TYR A 404 0.49 12.76 -25.31
C TYR A 404 -0.07 13.01 -23.92
N PHE A 405 0.67 12.55 -22.91
CA PHE A 405 0.22 12.50 -21.53
C PHE A 405 -0.55 13.75 -21.10
N MET A 406 0.09 14.91 -21.18
CA MET A 406 -0.50 16.13 -20.65
C MET A 406 -1.83 16.47 -21.32
N ASP A 407 -1.88 16.34 -22.64
CA ASP A 407 -3.09 16.66 -23.44
C ASP A 407 -4.26 15.80 -22.99
N VAL A 408 -4.00 14.50 -22.86
CA VAL A 408 -5.04 13.56 -22.46
C VAL A 408 -5.59 13.94 -21.07
N GLN A 409 -4.74 14.50 -20.20
CA GLN A 409 -5.18 14.82 -18.84
C GLN A 409 -6.12 16.03 -18.82
N ASP A 410 -5.99 16.90 -19.81
CA ASP A 410 -6.94 18.02 -19.94
C ASP A 410 -8.32 17.46 -20.27
N ALA A 411 -8.36 16.28 -20.89
CA ALA A 411 -9.62 15.64 -21.27
C ALA A 411 -10.44 15.10 -20.09
N ILE A 412 -9.77 14.78 -18.98
CA ILE A 412 -10.46 14.11 -17.87
C ILE A 412 -10.66 14.99 -16.62
N THR A 413 -10.45 16.29 -16.78
CA THR A 413 -10.68 17.27 -15.72
C THR A 413 -11.98 17.04 -14.99
N ILE A 414 -13.07 16.78 -15.72
CA ILE A 414 -14.36 16.55 -15.05
C ILE A 414 -14.29 15.41 -14.03
N PHE A 415 -13.56 14.34 -14.36
CA PHE A 415 -13.48 13.21 -13.45
C PHE A 415 -12.71 13.58 -12.20
N TYR A 416 -11.68 14.40 -12.37
CA TYR A 416 -10.90 14.88 -11.22
C TYR A 416 -11.66 15.78 -10.25
N TRP A 417 -12.57 16.61 -10.76
CA TRP A 417 -13.49 17.37 -9.90
C TRP A 417 -14.42 16.43 -9.17
N MET A 418 -14.85 15.40 -9.86
CA MET A 418 -15.70 14.41 -9.23
C MET A 418 -14.97 13.65 -8.14
N ARG A 419 -13.70 13.28 -8.37
CA ARG A 419 -12.95 12.65 -7.30
C ARG A 419 -12.84 13.61 -6.13
N PHE A 420 -12.42 14.84 -6.39
CA PHE A 420 -12.26 15.81 -5.30
C PHE A 420 -13.54 15.92 -4.45
N GLY A 421 -14.68 16.11 -5.10
CA GLY A 421 -15.98 16.09 -4.43
C GLY A 421 -16.22 14.84 -3.59
N SER A 422 -15.98 13.67 -4.18
CA SER A 422 -16.07 12.40 -3.44
C SER A 422 -15.12 12.33 -2.26
N GLY A 423 -13.99 13.04 -2.38
CA GLY A 423 -13.04 13.19 -1.28
C GLY A 423 -13.61 13.92 -0.06
N ILE A 424 -14.41 14.96 -0.32
CA ILE A 424 -15.02 15.70 0.76
C ILE A 424 -15.79 14.70 1.61
N ALA A 425 -16.52 13.80 0.96
CA ALA A 425 -17.28 12.78 1.69
C ALA A 425 -16.40 11.90 2.57
N VAL A 426 -15.26 11.46 2.01
CA VAL A 426 -14.37 10.54 2.74
C VAL A 426 -13.80 11.24 3.96
N VAL A 427 -13.25 12.44 3.78
CA VAL A 427 -12.76 13.20 4.91
C VAL A 427 -13.86 13.42 5.95
N LEU A 428 -14.98 14.07 5.62
CA LEU A 428 -16.09 14.20 6.60
C LEU A 428 -16.37 12.85 7.27
N GLY A 429 -16.46 11.78 6.47
CA GLY A 429 -16.67 10.44 7.00
C GLY A 429 -15.66 10.04 8.07
N ALA A 430 -14.37 10.23 7.77
CA ALA A 430 -13.29 9.82 8.66
C ALA A 430 -13.25 10.63 9.97
N LEU A 431 -13.46 11.95 9.87
CA LEU A 431 -13.60 12.78 11.07
C LEU A 431 -14.77 12.33 11.97
N LEU A 432 -15.94 12.11 11.36
CA LEU A 432 -17.10 11.63 12.11
C LEU A 432 -16.81 10.31 12.83
N PHE A 433 -16.13 9.38 12.19
CA PHE A 433 -15.76 8.14 12.87
C PHE A 433 -14.91 8.46 14.08
N ILE A 434 -13.83 9.22 13.88
CA ILE A 434 -13.03 9.67 15.02
C ILE A 434 -13.90 10.28 16.12
N TYR A 435 -14.79 11.21 15.77
CA TYR A 435 -15.71 11.75 16.75
C TYR A 435 -16.47 10.65 17.50
N ALA A 436 -17.10 9.78 16.72
CA ALA A 436 -17.97 8.75 17.22
C ALA A 436 -17.23 7.85 18.19
N VAL A 437 -15.96 7.60 17.91
CA VAL A 437 -15.20 6.75 18.77
C VAL A 437 -14.67 7.52 20.00
N ALA A 438 -14.42 8.82 19.82
CA ALA A 438 -13.69 9.61 20.81
C ALA A 438 -14.59 10.33 21.79
N VAL A 439 -15.85 10.55 21.43
CA VAL A 439 -16.73 11.32 22.30
C VAL A 439 -18.07 10.64 22.49
N PRO A 440 -18.15 9.74 23.48
CA PRO A 440 -19.42 9.06 23.75
C PRO A 440 -20.50 10.05 24.13
N ARG A 441 -21.65 9.96 23.46
CA ARG A 441 -22.80 10.78 23.84
C ARG A 441 -24.10 9.99 23.78
N LYS A 442 -25.19 10.64 24.16
CA LYS A 442 -26.52 10.01 24.14
C LYS A 442 -26.77 9.51 22.73
N GLU A 443 -27.16 8.23 22.65
CA GLU A 443 -27.44 7.53 21.40
C GLU A 443 -28.57 8.15 20.59
N ILE A 444 -28.48 8.07 19.27
CA ILE A 444 -29.53 8.51 18.35
C ILE A 444 -30.57 7.38 18.13
N ILE A 445 -31.83 7.80 17.93
CA ILE A 445 -32.93 6.88 17.57
C ILE A 445 -33.36 7.09 16.11
N THR B 6 -12.10 -31.79 10.25
CA THR B 6 -10.94 -31.90 9.31
C THR B 6 -9.98 -30.72 9.48
N THR B 7 -10.14 -29.97 10.58
CA THR B 7 -9.39 -28.73 10.85
C THR B 7 -7.87 -28.93 10.83
N SER B 8 -7.38 -29.96 11.52
CA SER B 8 -5.94 -30.27 11.52
C SER B 8 -5.39 -30.60 10.12
N MET B 9 -6.28 -31.02 9.22
CA MET B 9 -5.94 -31.22 7.80
C MET B 9 -5.72 -29.88 7.09
N ALA B 10 -6.73 -29.00 7.16
CA ALA B 10 -6.66 -27.63 6.63
C ALA B 10 -5.41 -26.88 7.11
N ARG B 11 -5.07 -27.07 8.38
CA ARG B 11 -3.83 -26.58 8.91
C ARG B 11 -2.65 -27.11 8.09
N ASN B 12 -2.67 -28.41 7.82
CA ASN B 12 -1.50 -29.09 7.24
C ASN B 12 -1.32 -28.83 5.75
N ILE B 13 -2.44 -28.82 5.02
CA ILE B 13 -2.49 -28.25 3.67
C ILE B 13 -1.83 -26.84 3.67
N PHE B 14 -2.27 -25.98 4.60
CA PHE B 14 -1.75 -24.61 4.74
C PHE B 14 -0.24 -24.52 5.06
N TYR B 15 0.20 -25.06 6.20
CA TYR B 15 1.63 -25.00 6.54
C TYR B 15 2.51 -25.61 5.46
N GLY B 16 2.06 -26.72 4.88
CA GLY B 16 2.86 -27.49 3.95
C GLY B 16 2.83 -26.95 2.53
N GLY B 17 1.62 -26.79 2.00
CA GLY B 17 1.40 -26.24 0.66
C GLY B 17 1.91 -24.82 0.47
N SER B 18 1.97 -24.06 1.58
CA SER B 18 2.61 -22.74 1.58
C SER B 18 4.10 -22.86 1.37
N LEU B 19 4.77 -23.60 2.26
CA LEU B 19 6.18 -23.92 2.11
C LEU B 19 6.56 -24.32 0.68
N PHE B 20 5.73 -25.15 0.07
CA PHE B 20 5.94 -25.56 -1.32
C PHE B 20 6.12 -24.34 -2.22
N PHE B 21 5.10 -23.48 -2.23
CA PHE B 21 5.09 -22.28 -3.07
C PHE B 21 6.16 -21.24 -2.73
N ILE B 22 6.57 -21.15 -1.47
CA ILE B 22 7.72 -20.30 -1.13
C ILE B 22 8.96 -20.74 -1.93
N LEU B 23 9.29 -22.04 -1.84
CA LEU B 23 10.42 -22.62 -2.56
C LEU B 23 10.40 -22.29 -4.06
N ILE B 24 9.31 -22.69 -4.72
CA ILE B 24 9.09 -22.35 -6.13
C ILE B 24 9.36 -20.86 -6.39
N PHE B 25 8.70 -19.98 -5.62
CA PHE B 25 8.99 -18.53 -5.66
C PHE B 25 10.48 -18.16 -5.51
N VAL B 26 11.15 -18.68 -4.47
CA VAL B 26 12.58 -18.39 -4.30
C VAL B 26 13.41 -18.94 -5.48
N GLY B 27 13.03 -20.10 -5.99
CA GLY B 27 13.71 -20.64 -7.16
C GLY B 27 13.56 -19.68 -8.31
N LEU B 28 12.29 -19.49 -8.71
CA LEU B 28 11.88 -18.54 -9.74
C LEU B 28 12.53 -17.15 -9.65
N SER B 29 12.70 -16.64 -8.43
CA SER B 29 13.29 -15.32 -8.24
C SER B 29 14.76 -15.34 -8.58
N VAL B 30 15.46 -16.39 -8.11
CA VAL B 30 16.90 -16.59 -8.39
C VAL B 30 17.14 -16.68 -9.91
N HIS B 31 16.27 -17.40 -10.61
CA HIS B 31 16.33 -17.38 -12.08
C HIS B 31 16.19 -15.94 -12.55
N SER B 32 15.04 -15.34 -12.24
CA SER B 32 14.71 -13.97 -12.65
C SER B 32 15.78 -12.93 -12.32
N HIS B 33 16.41 -13.02 -11.15
CA HIS B 33 17.53 -12.16 -10.79
C HIS B 33 18.67 -12.26 -11.81
N ARG B 34 18.99 -13.49 -12.24
CA ARG B 34 20.09 -13.69 -13.20
C ARG B 34 19.71 -13.25 -14.62
N TYR B 35 18.49 -13.54 -15.02
CA TYR B 35 17.94 -13.08 -16.30
C TYR B 35 18.05 -11.57 -16.44
N ILE B 36 17.74 -10.87 -15.35
CA ILE B 36 17.89 -9.42 -15.28
C ILE B 36 19.36 -9.04 -15.43
N VAL B 37 20.23 -9.61 -14.60
CA VAL B 37 21.61 -9.14 -14.57
C VAL B 37 22.35 -9.40 -15.90
N THR B 38 22.15 -10.58 -16.48
CA THR B 38 22.97 -11.00 -17.64
C THR B 38 22.31 -10.74 -18.98
N THR B 39 20.99 -10.90 -19.07
CA THR B 39 20.36 -10.80 -20.37
C THR B 39 19.49 -9.54 -20.59
N SER B 40 18.63 -9.18 -19.64
CA SER B 40 17.63 -8.11 -19.93
C SER B 40 18.07 -6.67 -19.60
N THR B 41 19.20 -6.52 -18.92
CA THR B 41 19.82 -5.20 -18.75
C THR B 41 21.30 -5.28 -19.05
N ASP B 42 21.82 -4.25 -19.73
CA ASP B 42 23.20 -4.24 -20.15
C ASP B 42 24.10 -3.82 -18.99
N ALA B 43 24.87 -4.75 -18.47
CA ALA B 43 25.79 -4.48 -17.35
C ALA B 43 26.87 -3.44 -17.70
N ALA B 44 27.41 -3.57 -18.91
CA ALA B 44 28.49 -2.73 -19.38
C ALA B 44 28.10 -1.25 -19.37
N THR B 45 26.85 -0.98 -19.76
CA THR B 45 26.39 0.40 -19.86
C THR B 45 25.92 0.96 -18.52
N LEU B 46 25.71 0.07 -17.53
CA LEU B 46 25.43 0.46 -16.13
C LEU B 46 26.64 1.11 -15.44
N THR B 47 27.02 2.28 -15.94
CA THR B 47 28.20 3.00 -15.48
C THR B 47 28.00 3.69 -14.14
N ALA B 48 29.09 4.24 -13.58
CA ALA B 48 29.04 5.10 -12.39
C ALA B 48 28.07 6.28 -12.51
N GLU B 49 27.94 6.84 -13.73
N GLU B 49 27.91 6.78 -13.74
CA GLU B 49 27.02 7.93 -13.95
CA GLU B 49 27.05 7.92 -14.02
C GLU B 49 25.60 7.44 -13.79
C GLU B 49 25.58 7.52 -14.01
N VAL B 50 25.30 6.27 -14.34
CA VAL B 50 23.95 5.71 -14.27
C VAL B 50 23.50 5.47 -12.82
N GLU B 51 24.41 5.00 -11.96
CA GLU B 51 24.13 4.87 -10.54
C GLU B 51 23.82 6.25 -9.97
N HIS B 52 24.72 7.19 -10.23
CA HIS B 52 24.59 8.53 -9.71
C HIS B 52 23.26 9.14 -10.22
N GLY B 53 22.85 8.76 -11.43
CA GLY B 53 21.58 9.16 -11.99
C GLY B 53 20.39 8.56 -11.25
N LYS B 54 20.47 7.26 -10.97
CA LYS B 54 19.41 6.62 -10.20
C LYS B 54 19.28 7.28 -8.84
N HIS B 55 20.42 7.51 -8.19
CA HIS B 55 20.44 8.18 -6.88
C HIS B 55 19.80 9.57 -6.93
N LEU B 56 20.14 10.37 -7.95
CA LEU B 56 19.54 11.69 -8.13
C LEU B 56 18.03 11.57 -8.30
N TRP B 57 17.65 10.64 -9.18
CA TRP B 57 16.27 10.26 -9.38
C TRP B 57 15.63 10.10 -8.03
N GLU B 58 16.26 9.31 -7.18
CA GLU B 58 15.70 8.98 -5.89
C GLU B 58 15.59 10.15 -4.92
N ILE B 59 16.68 10.88 -4.71
CA ILE B 59 16.67 11.88 -3.64
C ILE B 59 15.78 13.10 -3.94
N HIS B 60 15.56 13.43 -5.22
CA HIS B 60 14.66 14.52 -5.64
C HIS B 60 13.17 14.14 -5.79
N GLY B 61 12.91 12.84 -5.71
CA GLY B 61 11.57 12.31 -5.61
C GLY B 61 10.75 12.45 -6.87
N CYS B 62 11.36 12.10 -8.00
CA CYS B 62 10.69 12.19 -9.26
C CYS B 62 9.51 11.23 -9.28
N VAL B 63 9.67 10.07 -8.65
CA VAL B 63 8.67 8.98 -8.69
C VAL B 63 7.34 9.36 -8.06
N ASN B 64 7.35 10.45 -7.31
CA ASN B 64 6.15 10.82 -6.62
C ASN B 64 5.37 11.87 -7.35
N CYS B 65 5.85 12.22 -8.54
CA CYS B 65 5.06 12.88 -9.58
C CYS B 65 4.96 11.94 -10.83
N HIS B 66 6.10 11.35 -11.22
CA HIS B 66 6.20 10.59 -12.47
C HIS B 66 6.05 9.08 -12.25
N SER B 67 5.95 8.34 -13.34
CA SER B 67 6.15 6.90 -13.29
C SER B 67 7.31 6.50 -14.20
N ILE B 68 7.96 5.39 -13.85
CA ILE B 68 9.09 4.86 -14.61
C ILE B 68 8.84 3.34 -14.79
N LEU B 69 8.84 2.91 -16.04
CA LEU B 69 8.29 1.59 -16.48
C LEU B 69 6.90 1.32 -15.91
N GLY B 70 6.11 2.39 -15.83
CA GLY B 70 4.71 2.27 -15.45
C GLY B 70 4.49 2.13 -13.97
N GLU B 71 5.56 2.34 -13.21
CA GLU B 71 5.45 2.34 -11.75
C GLU B 71 5.84 3.71 -11.19
N GLY B 72 5.04 4.21 -10.24
CA GLY B 72 5.30 5.46 -9.55
C GLY B 72 4.00 6.20 -9.28
N ALA B 73 3.96 7.46 -9.63
CA ALA B 73 2.75 8.26 -9.46
C ALA B 73 2.12 8.52 -10.83
N TYR B 74 0.90 9.07 -10.85
CA TYR B 74 0.15 9.19 -12.10
C TYR B 74 -0.08 10.66 -12.48
N PHE B 75 0.65 11.55 -11.82
CA PHE B 75 0.56 12.99 -12.02
C PHE B 75 1.31 13.59 -13.23
N ALA B 76 2.36 12.93 -13.71
CA ALA B 76 3.17 13.47 -14.82
C ALA B 76 3.65 12.34 -15.74
N PRO B 77 4.18 12.67 -16.95
CA PRO B 77 4.44 11.65 -17.96
C PRO B 77 5.32 10.52 -17.48
N GLU B 78 5.07 9.32 -18.00
CA GLU B 78 5.97 8.19 -17.90
C GLU B 78 7.33 8.61 -18.46
N LEU B 79 8.39 8.45 -17.67
CA LEU B 79 9.74 8.84 -18.12
C LEU B 79 10.60 7.64 -18.47
N GLY B 80 10.03 6.44 -18.37
CA GLY B 80 10.74 5.23 -18.77
C GLY B 80 11.19 5.27 -20.21
N ASN B 81 10.42 5.98 -21.04
CA ASN B 81 10.76 6.10 -22.45
C ASN B 81 10.84 7.55 -22.97
N VAL B 82 11.00 8.52 -22.08
CA VAL B 82 11.01 9.91 -22.51
C VAL B 82 12.05 10.16 -23.61
N MET B 83 13.19 9.48 -23.54
CA MET B 83 14.26 9.66 -24.53
C MET B 83 13.86 9.25 -25.95
N THR B 84 13.13 8.14 -26.09
CA THR B 84 12.54 7.73 -27.38
C THR B 84 11.47 8.74 -27.83
N ARG B 85 10.62 9.13 -26.89
CA ARG B 85 9.63 10.17 -27.18
C ARG B 85 10.28 11.40 -27.79
N TRP B 86 11.48 11.75 -27.32
CA TRP B 86 12.16 12.94 -27.82
C TRP B 86 13.07 12.68 -29.06
N GLY B 87 12.84 11.57 -29.76
CA GLY B 87 13.73 11.16 -30.88
C GLY B 87 15.24 11.28 -30.65
N VAL B 88 15.66 11.00 -29.41
CA VAL B 88 16.97 11.38 -28.98
C VAL B 88 17.72 10.21 -28.32
N GLU B 89 17.19 8.99 -28.47
CA GLU B 89 17.68 7.83 -27.70
C GLU B 89 19.05 7.32 -28.06
N ASP B 90 19.42 7.43 -29.34
CA ASP B 90 20.71 6.92 -29.81
C ASP B 90 21.83 7.97 -29.71
N ASP B 91 21.50 9.16 -29.21
CA ASP B 91 22.45 10.25 -29.07
C ASP B 91 22.56 10.74 -27.63
N PRO B 92 23.54 10.20 -26.86
CA PRO B 92 23.78 10.59 -25.46
C PRO B 92 23.95 12.08 -25.22
N ASP B 93 24.54 12.80 -26.16
CA ASP B 93 24.81 14.23 -25.99
C ASP B 93 23.57 15.09 -26.22
N ALA B 94 22.74 14.68 -27.17
CA ALA B 94 21.50 15.37 -27.45
C ALA B 94 20.49 15.13 -26.34
N ALA B 95 20.48 13.90 -25.81
CA ALA B 95 19.67 13.54 -24.66
C ALA B 95 20.01 14.49 -23.50
N PHE B 96 21.28 14.52 -23.12
CA PHE B 96 21.74 15.43 -22.08
C PHE B 96 21.27 16.85 -22.35
N GLU B 97 21.42 17.27 -23.61
CA GLU B 97 21.05 18.61 -24.02
C GLU B 97 19.54 18.82 -23.82
N ALA B 98 18.75 17.86 -24.31
CA ALA B 98 17.28 17.92 -24.27
C ALA B 98 16.78 17.97 -22.82
N LEU B 99 17.37 17.13 -21.96
CA LEU B 99 16.98 17.10 -20.55
C LEU B 99 17.28 18.42 -19.81
N LYS B 100 18.50 18.92 -19.99
CA LYS B 100 18.98 20.17 -19.38
C LYS B 100 18.09 21.33 -19.79
N GLY B 101 17.71 21.35 -21.05
CA GLY B 101 16.87 22.41 -21.58
C GLY B 101 15.51 22.44 -20.93
N TRP B 102 14.95 21.24 -20.74
CA TRP B 102 13.65 21.07 -20.07
C TRP B 102 13.73 21.45 -18.59
N MET B 103 14.59 20.76 -17.86
CA MET B 103 14.71 20.99 -16.42
C MET B 103 15.01 22.45 -16.08
N ASP B 104 15.93 23.08 -16.82
CA ASP B 104 16.23 24.52 -16.67
C ASP B 104 14.98 25.40 -16.80
N ALA B 105 14.01 24.93 -17.58
CA ALA B 105 12.80 25.69 -17.85
C ALA B 105 11.75 25.55 -16.75
N MET B 106 11.77 24.43 -16.03
CA MET B 106 10.78 24.21 -14.96
C MET B 106 11.13 25.10 -13.77
N PRO B 107 10.14 25.63 -13.06
CA PRO B 107 8.71 25.45 -13.37
C PRO B 107 8.24 26.38 -14.49
N THR B 108 7.28 25.93 -15.30
CA THR B 108 6.68 26.77 -16.34
C THR B 108 6.03 27.98 -15.68
N GLY B 109 5.34 27.77 -14.56
CA GLY B 109 4.54 28.82 -13.95
C GLY B 109 3.17 28.99 -14.58
N ILE B 110 2.92 28.30 -15.70
CA ILE B 110 1.67 28.44 -16.47
C ILE B 110 0.42 28.27 -15.61
N GLU B 111 -0.49 29.22 -15.70
CA GLU B 111 -1.78 29.10 -15.03
C GLU B 111 -2.53 27.86 -15.48
N GLY B 112 -3.04 27.12 -14.51
CA GLY B 112 -3.92 26.00 -14.76
C GLY B 112 -3.20 24.75 -15.19
N ARG B 113 -1.88 24.81 -15.31
CA ARG B 113 -1.06 23.66 -15.75
C ARG B 113 -0.25 23.07 -14.59
N ARG B 114 -0.14 21.75 -14.56
CA ARG B 114 0.66 21.07 -13.52
C ARG B 114 2.13 21.52 -13.47
N GLN B 115 2.71 21.54 -12.27
CA GLN B 115 4.01 22.20 -12.08
C GLN B 115 5.11 21.26 -11.61
N MET B 116 6.28 21.33 -12.25
CA MET B 116 7.49 20.62 -11.84
C MET B 116 8.49 21.55 -11.15
N PRO B 117 9.11 21.12 -10.04
CA PRO B 117 10.04 22.05 -9.39
C PRO B 117 11.37 22.21 -10.14
N ASN B 118 12.21 23.11 -9.63
CA ASN B 118 13.59 23.18 -10.05
C ASN B 118 14.49 22.71 -8.90
N PHE B 119 15.41 21.79 -9.19
CA PHE B 119 16.22 21.22 -8.12
C PHE B 119 17.62 21.82 -7.95
N GLY B 120 17.94 22.83 -8.75
CA GLY B 120 19.24 23.50 -8.74
C GLY B 120 20.34 22.57 -9.20
N LEU B 121 20.07 21.81 -10.25
CA LEU B 121 21.01 20.80 -10.69
C LEU B 121 22.11 21.37 -11.57
N ASN B 122 23.35 20.97 -11.29
CA ASN B 122 24.48 21.26 -12.17
C ASN B 122 24.49 20.36 -13.40
N ASP B 123 25.44 20.58 -14.31
CA ASP B 123 25.51 19.85 -15.58
C ASP B 123 26.03 18.40 -15.48
N GLU B 124 26.83 18.15 -14.45
CA GLU B 124 27.29 16.81 -14.18
C GLU B 124 26.04 15.99 -13.81
N GLU B 125 25.13 16.63 -13.10
CA GLU B 125 23.95 16.01 -12.57
C GLU B 125 22.92 15.75 -13.65
N TYR B 126 22.69 16.73 -14.52
CA TYR B 126 21.82 16.55 -15.67
C TYR B 126 22.27 15.38 -16.52
N ARG B 127 23.58 15.25 -16.65
CA ARG B 127 24.18 14.16 -17.41
C ARG B 127 23.85 12.82 -16.75
N ALA B 128 23.99 12.78 -15.41
CA ALA B 128 23.68 11.59 -14.63
C ALA B 128 22.25 11.12 -14.90
N LEU B 129 21.30 12.07 -14.83
CA LEU B 129 19.89 11.76 -15.04
C LEU B 129 19.62 11.34 -16.45
N SER B 130 20.18 12.08 -17.40
CA SER B 130 20.05 11.77 -18.82
C SER B 130 20.53 10.35 -19.13
N ASP B 131 21.69 10.00 -18.55
CA ASP B 131 22.30 8.72 -18.81
C ASP B 131 21.45 7.59 -18.24
N PHE B 132 20.86 7.85 -17.07
CA PHE B 132 20.04 6.86 -16.36
C PHE B 132 18.70 6.65 -17.05
N LEU B 133 18.08 7.72 -17.51
CA LEU B 133 16.82 7.59 -18.24
C LEU B 133 17.05 6.85 -19.55
N LEU B 134 18.18 7.14 -20.18
CA LEU B 134 18.57 6.41 -21.39
C LEU B 134 18.72 4.91 -21.13
N TRP B 135 19.44 4.60 -20.05
CA TRP B 135 19.81 3.23 -19.72
C TRP B 135 18.55 2.51 -19.40
N THR B 136 17.60 3.22 -18.80
CA THR B 136 16.28 2.68 -18.50
C THR B 136 15.56 2.33 -19.78
N ASN B 137 15.63 3.23 -20.77
CA ASN B 137 14.97 3.01 -22.05
C ASN B 137 15.44 1.74 -22.76
N THR B 138 16.60 1.22 -22.36
CA THR B 138 17.12 0.00 -23.00
C THR B 138 16.78 -1.31 -22.29
N ILE B 139 16.26 -1.23 -21.06
CA ILE B 139 15.85 -2.43 -20.31
C ILE B 139 14.87 -3.20 -21.16
N ARG B 140 15.18 -4.48 -21.40
N ARG B 140 15.20 -4.47 -21.41
CA ARG B 140 14.35 -5.34 -22.23
CA ARG B 140 14.35 -5.37 -22.21
C ARG B 140 13.18 -5.85 -21.39
C ARG B 140 13.18 -5.82 -21.35
N ASN B 141 12.02 -5.23 -21.62
CA ASN B 141 10.85 -5.39 -20.75
C ASN B 141 9.54 -5.72 -21.49
N GLN B 142 9.60 -6.67 -22.42
CA GLN B 142 8.39 -7.18 -23.10
C GLN B 142 7.60 -6.14 -23.92
N ASP B 143 8.32 -5.22 -24.53
CA ASP B 143 7.73 -4.23 -25.45
C ASP B 143 6.76 -3.27 -24.78
N TRP B 144 6.98 -3.00 -23.49
CA TRP B 144 6.20 -1.99 -22.81
C TRP B 144 7.00 -0.69 -22.80
N PRO B 145 6.35 0.48 -22.99
CA PRO B 145 4.91 0.61 -23.21
C PRO B 145 4.48 0.34 -24.66
N PRO B 146 3.16 0.41 -24.94
CA PRO B 146 2.61 0.18 -26.28
C PRO B 146 3.10 1.13 -27.38
N ASN B 147 3.38 2.38 -27.02
CA ASN B 147 3.84 3.39 -27.98
C ASN B 147 4.81 4.41 -27.36
N ASP B 148 4.96 5.56 -28.03
CA ASP B 148 5.87 6.65 -27.58
C ASP B 148 5.32 7.56 -26.51
N ALA B 149 4.00 7.66 -26.44
CA ALA B 149 3.30 8.54 -25.49
C ALA B 149 3.49 8.15 -24.01
N GLY B 150 4.19 7.03 -23.78
CA GLY B 150 4.24 6.41 -22.48
C GLY B 150 2.92 5.72 -22.19
CHA HEM C . -2.45 8.03 -3.63
CHB HEM C . -6.22 11.10 -3.40
CHC HEM C . -7.78 8.75 0.56
CHD HEM C . -4.63 5.21 -0.39
C1A HEM C . -3.29 9.06 -3.87
C2A HEM C . -3.12 10.05 -4.86
C3A HEM C . -4.17 10.91 -4.80
C4A HEM C . -5.03 10.46 -3.75
CMA HEM C . -4.42 12.10 -5.66
CAA HEM C . -1.97 10.16 -5.84
CBA HEM C . -2.33 9.32 -7.06
CGA HEM C . -1.39 9.67 -8.18
O1A HEM C . -0.16 9.41 -8.08
O2A HEM C . -1.86 10.20 -9.21
C1B HEM C . -6.96 10.73 -2.28
C2B HEM C . -8.11 11.46 -1.84
C3B HEM C . -8.52 10.81 -0.72
C4B HEM C . -7.63 9.65 -0.49
CMB HEM C . -8.77 12.70 -2.41
CAB HEM C . -9.69 11.19 0.09
CBB HEM C . -9.58 11.50 1.37
C1C HEM C . -7.14 7.52 0.61
C2C HEM C . -7.46 6.45 1.46
C3C HEM C . -6.53 5.45 1.13
C4C HEM C . -5.67 5.94 0.15
CMC HEM C . -8.57 6.33 2.51
CAC HEM C . -6.41 4.12 1.72
CBC HEM C . -5.91 4.05 2.93
C1D HEM C . -3.80 5.75 -1.36
C2D HEM C . -2.65 4.98 -1.84
C3D HEM C . -2.02 5.75 -2.74
C4D HEM C . -2.82 6.99 -2.81
CMD HEM C . -2.22 3.61 -1.39
CAD HEM C . -0.79 5.36 -3.55
CBD HEM C . -1.42 4.92 -4.88
CGD HEM C . -0.65 4.15 -5.93
O1D HEM C . 0.58 4.36 -6.15
O2D HEM C . -1.29 3.31 -6.63
NA HEM C . -4.43 9.36 -3.16
NB HEM C . -6.70 9.71 -1.44
NC HEM C . -6.03 7.21 -0.13
ND HEM C . -3.85 6.98 -1.94
FE HEM C . -5.21 8.29 -1.70
O2 UNL D . -1.79 -6.06 -6.03
O1 UNL D . -0.79 -5.88 -5.37
CA CA E . 2.13 3.72 -7.77
CHA HEM F . -1.31 -2.99 -8.02
CHB HEM F . -3.34 -2.53 -3.64
CHC HEM F . -4.81 -7.13 -4.03
CHD HEM F . -4.35 -6.73 -8.85
C1A HEM F . -1.69 -2.46 -6.80
C2A HEM F . -1.33 -1.18 -6.30
C3A HEM F . -1.91 -1.06 -5.06
C4A HEM F . -2.61 -2.25 -4.80
CMA HEM F . -1.83 0.10 -4.11
CAA HEM F . -0.47 -0.16 -7.02
CBA HEM F . 0.95 -0.30 -6.46
CGA HEM F . 1.86 0.81 -6.94
O1A HEM F . 1.87 1.92 -6.34
O2A HEM F . 2.63 0.63 -7.92
C1B HEM F . -3.86 -3.80 -3.32
C2B HEM F . -4.37 -4.14 -2.04
C3B HEM F . -4.80 -5.45 -2.12
C4B HEM F . -4.51 -5.87 -3.52
CMB HEM F . -4.43 -3.23 -0.83
CAB HEM F . -5.43 -6.33 -1.11
CBB HEM F . -5.01 -6.36 0.14
C1C HEM F . -4.96 -7.40 -5.39
C2C HEM F . -5.71 -8.45 -5.94
C3C HEM F . -5.60 -8.36 -7.32
C4C HEM F . -4.77 -7.21 -7.61
CMC HEM F . -6.49 -9.49 -5.18
CAC HEM F . -6.28 -9.32 -8.20
CBC HEM F . -5.86 -9.53 -9.43
C1D HEM F . -3.41 -5.68 -8.96
C2D HEM F . -2.75 -5.35 -10.24
C3D HEM F . -1.92 -4.31 -10.01
C4D HEM F . -2.04 -4.02 -8.59
CMD HEM F . -3.00 -6.04 -11.56
CAD HEM F . -1.02 -3.59 -10.98
CBD HEM F . -1.73 -2.48 -11.73
CGD HEM F . -0.79 -1.91 -12.77
O1D HEM F . 0.07 -2.61 -13.36
O2D HEM F . -0.86 -0.69 -13.06
NA HEM F . -2.48 -3.12 -5.86
NB HEM F . -3.96 -4.85 -4.14
NC HEM F . -4.39 -6.68 -6.40
ND HEM F . -2.92 -4.86 -7.99
FE HEM F . -3.39 -4.86 -6.16
FE FE G . -0.09 -7.65 -6.20
FE HEC H . 9.09 16.00 -14.09
CHA HEC H . 7.70 16.64 -17.22
CHB HEC H . 11.96 14.79 -15.60
CHC HEC H . 10.46 15.37 -10.97
CHD HEC H . 6.20 17.18 -12.58
NA HEC H . 9.74 15.76 -16.06
C1A HEC H . 9.07 16.06 -17.20
C2A HEC H . 9.81 15.77 -18.45
C3A HEC H . 11.06 15.20 -17.95
C4A HEC H . 10.89 15.25 -16.49
CMA HEC H . 12.26 14.71 -18.71
CAA HEC H . 9.34 15.95 -19.86
CBA HEC H . 8.51 14.67 -20.05
CGA HEC H . 7.49 14.71 -21.16
O1A HEC H . 7.03 15.81 -21.52
O2A HEC H . 7.11 13.63 -21.69
NB HEC H . 10.91 15.21 -13.41
C1B HEC H . 11.97 14.77 -14.13
C2B HEC H . 13.12 14.26 -13.33
C3B HEC H . 12.62 14.46 -11.98
C4B HEC H . 11.28 15.04 -12.14
CMB HEC H . 14.47 13.69 -13.76
CAB HEC H . 13.31 14.15 -10.65
CBB HEC H . 14.73 14.63 -10.57
NC HEC H . 8.45 16.24 -12.12
C1C HEC H . 9.10 15.94 -10.98
C2C HEC H . 8.39 16.22 -9.72
C3C HEC H . 7.14 16.79 -10.21
C4C HEC H . 7.27 16.72 -11.68
CMC HEC H . 8.83 16.00 -8.31
CAC HEC H . 5.90 17.17 -9.41
CBC HEC H . 5.86 18.14 -8.26
ND HEC H . 7.28 16.79 -14.77
C1D HEC H . 6.24 17.22 -14.04
C2D HEC H . 5.09 17.73 -14.80
C3D HEC H . 5.52 17.54 -16.18
C4D HEC H . 6.88 16.98 -16.04
CMD HEC H . 3.78 18.26 -14.30
CAD HEC H . 4.80 17.92 -17.43
CBD HEC H . 5.22 19.38 -17.56
CGD HEC H . 4.67 20.08 -18.78
O1D HEC H . 4.21 19.37 -19.72
O2D HEC H . 4.70 21.34 -18.80
CU CU I . 28.04 11.57 -11.85
#